data_8WBX
#
_entry.id   8WBX
#
_cell.length_a   1.00
_cell.length_b   1.00
_cell.length_c   1.00
_cell.angle_alpha   90.00
_cell.angle_beta   90.00
_cell.angle_gamma   90.00
#
_symmetry.space_group_name_H-M   'P 1'
#
loop_
_entity.id
_entity.type
_entity.pdbx_description
1 polymer 'ABC transporter G family member 25'
2 non-polymer '(2Z,4E)-5-[(1S)-1-hydroxy-2,6,6-trimethyl-4-oxocyclohex-2-en-1-yl]-3-methylpenta-2,4-dienoic acid'
#
_entity_poly.entity_id   1
_entity_poly.type   'polypeptide(L)'
_entity_poly.pdbx_seq_one_letter_code
;MDYKDHDGDYKDHDIDYKDDDDKGSDLEVLFQGPGSMSAFDGVENQMNGPDSSPRLSQDPREPRSLLSSSCFPITLKFVD
VCYRVKIHGMSNDSCNIKKLLGLKQKPSDETRSTEERTILSGVTGMISPGEFMAVLGPSGSGKSTLLNAVAGRLHGSNLT
GKILINDGKITKQTLKRTGFVAQDDLLYPHLTVRETLVFVALLRLPRSLTRDVKLRAAESVISELGLTKCENTVVGNTFI
RGISGGERKRVSIAHELLINPSLLVLDEPTSGLDATAALRLVQTLAGLAHGKGKTVVTSIHQPSSRVFQMFDTVLLLSEG
KCLFVGKGRDAMAYFESVGFSPAFPMNPADFLLDLANGVCQTDGVTEREKPNVRQTLVTAYDTLLAPQVKTCIEVSHFPQ
DNARFVKTRVNGGGITTCIATWFSQLCILLHRLLKERRHESFDLLRIFQVVAASILCGLMWWHSDYRDVHDRLGLLFFIS
IFWGVLPSFNAVFTFPQERAIFTRERASGMYTLSSYFMAHVLGSLSMELVLPASFLTFTYWMVYLRPGIVPFLLTLSVLL
LYVLASQGLGLALGAAIMDAKKASTIVTVTMLAFVLTGGYYVNKVPSGMVWMKYVSTTFYCYRLLVAIQYGSGEEILRML
GCDSKGKQGASAATSAGCRFVEEEVIGDVGMWTSVGVLFLMFFGYRVLAYLALRRIKH
;
_entity_poly.pdbx_strand_id   A,B
#
loop_
_chem_comp.id
_chem_comp.type
_chem_comp.name
_chem_comp.formula
A8S non-polymer '(2Z,4E)-5-[(1S)-1-hydroxy-2,6,6-trimethyl-4-oxocyclohex-2-en-1-yl]-3-methylpenta-2,4-dienoic acid' 'C15 H20 O4'
#
# COMPACT_ATOMS: atom_id res chain seq x y z
N MET A 126 6.84 -0.98 -42.93
CA MET A 126 6.51 0.36 -43.43
C MET A 126 5.05 0.67 -43.13
N ILE A 127 4.80 1.90 -42.67
CA ILE A 127 3.45 2.36 -42.36
C ILE A 127 3.24 3.70 -43.04
N SER A 128 2.11 3.84 -43.73
CA SER A 128 1.76 5.08 -44.42
C SER A 128 0.79 5.90 -43.58
N PRO A 129 0.81 7.22 -43.76
CA PRO A 129 -0.15 8.07 -43.02
C PRO A 129 -1.59 7.68 -43.33
N GLY A 130 -2.43 7.76 -42.30
CA GLY A 130 -3.83 7.44 -42.43
C GLY A 130 -4.19 5.98 -42.35
N GLU A 131 -3.22 5.10 -42.09
CA GLU A 131 -3.46 3.66 -42.01
C GLU A 131 -3.32 3.20 -40.57
N PHE A 132 -4.31 2.43 -40.11
CA PHE A 132 -4.31 1.89 -38.75
C PHE A 132 -3.42 0.65 -38.74
N MET A 133 -2.27 0.76 -38.08
CA MET A 133 -1.32 -0.34 -37.98
C MET A 133 -1.27 -0.85 -36.55
N ALA A 134 -1.31 -2.18 -36.40
CA ALA A 134 -1.20 -2.83 -35.11
C ALA A 134 -0.03 -3.82 -35.15
N VAL A 135 0.53 -4.08 -33.97
CA VAL A 135 1.62 -5.04 -33.81
C VAL A 135 1.12 -6.12 -32.86
N LEU A 136 1.24 -7.39 -33.28
CA LEU A 136 0.68 -8.51 -32.56
C LEU A 136 1.75 -9.56 -32.28
N GLY A 137 1.64 -10.18 -31.10
CA GLY A 137 2.54 -11.22 -30.68
C GLY A 137 2.30 -11.59 -29.23
N PRO A 138 2.88 -12.70 -28.79
CA PRO A 138 2.73 -13.10 -27.38
C PRO A 138 3.53 -12.19 -26.47
N SER A 139 3.29 -12.34 -25.17
CA SER A 139 4.05 -11.58 -24.18
C SER A 139 5.52 -11.93 -24.25
N GLY A 140 6.37 -10.91 -24.26
CA GLY A 140 7.80 -11.11 -24.38
C GLY A 140 8.31 -11.29 -25.80
N SER A 141 7.44 -11.13 -26.81
CA SER A 141 7.87 -11.29 -28.20
C SER A 141 8.59 -10.06 -28.75
N GLY A 142 8.66 -8.98 -27.98
CA GLY A 142 9.33 -7.78 -28.41
C GLY A 142 8.44 -6.65 -28.91
N LYS A 143 7.15 -6.68 -28.62
CA LYS A 143 6.27 -5.60 -29.05
C LYS A 143 6.61 -4.29 -28.34
N SER A 144 6.94 -4.36 -27.05
CA SER A 144 7.22 -3.14 -26.29
C SER A 144 8.49 -2.47 -26.79
N THR A 145 9.55 -3.24 -27.00
CA THR A 145 10.82 -2.65 -27.41
C THR A 145 10.77 -2.15 -28.85
N LEU A 146 10.00 -2.84 -29.71
CA LEU A 146 9.89 -2.40 -31.10
C LEU A 146 9.19 -1.04 -31.19
N LEU A 147 8.15 -0.83 -30.40
CA LEU A 147 7.42 0.42 -30.43
C LEU A 147 8.21 1.55 -29.75
N LYS A 172 14.77 16.51 -34.10
CA LYS A 172 13.94 16.77 -32.93
C LYS A 172 12.50 17.09 -33.36
N GLN A 173 12.34 17.59 -34.58
CA GLN A 173 11.02 17.93 -35.09
C GLN A 173 10.14 16.69 -35.21
N THR A 174 10.72 15.56 -35.63
CA THR A 174 9.94 14.34 -35.77
C THR A 174 9.37 13.88 -34.43
N LEU A 175 10.18 13.93 -33.38
CA LEU A 175 9.68 13.55 -32.06
C LEU A 175 8.75 14.62 -31.48
N LYS A 176 8.92 15.88 -31.88
CA LYS A 176 8.00 16.92 -31.46
C LYS A 176 6.59 16.69 -32.02
N ARG A 177 6.49 16.08 -33.20
CA ARG A 177 5.22 15.77 -33.81
C ARG A 177 4.83 14.30 -33.63
N THR A 178 5.52 13.58 -32.75
CA THR A 178 5.24 12.17 -32.48
C THR A 178 4.70 12.04 -31.05
N GLY A 179 3.55 11.38 -30.92
CA GLY A 179 2.96 11.16 -29.62
C GLY A 179 3.01 9.72 -29.18
N PHE A 180 3.72 9.45 -28.09
CA PHE A 180 3.90 8.09 -27.57
C PHE A 180 3.07 7.92 -26.30
N VAL A 181 2.29 6.84 -26.26
CA VAL A 181 1.46 6.51 -25.11
C VAL A 181 1.88 5.12 -24.62
N ALA A 182 2.07 4.99 -23.31
CA ALA A 182 2.49 3.74 -22.69
C ALA A 182 1.27 3.01 -22.11
N GLN A 183 1.51 1.78 -21.67
CA GLN A 183 0.42 0.97 -21.10
C GLN A 183 -0.11 1.58 -19.81
N ASP A 184 0.79 2.05 -18.94
CA ASP A 184 0.38 2.57 -17.64
C ASP A 184 -0.22 3.96 -17.79
N ASP A 185 -1.35 4.18 -17.12
CA ASP A 185 -2.01 5.49 -17.12
C ASP A 185 -1.51 6.31 -15.92
N LEU A 186 -0.27 6.79 -16.06
CA LEU A 186 0.37 7.59 -15.01
C LEU A 186 -0.22 9.00 -15.04
N LEU A 187 -1.38 9.14 -14.41
CA LEU A 187 -2.08 10.40 -14.33
C LEU A 187 -2.45 10.69 -12.87
N TYR A 188 -2.53 11.97 -12.55
CA TYR A 188 -2.91 12.38 -11.19
C TYR A 188 -4.36 12.00 -10.94
N PRO A 189 -4.68 11.39 -9.79
CA PRO A 189 -6.04 10.90 -9.56
C PRO A 189 -7.01 11.94 -9.01
N HIS A 190 -6.56 13.17 -8.75
CA HIS A 190 -7.42 14.20 -8.20
C HIS A 190 -7.93 15.20 -9.23
N LEU A 191 -7.19 15.44 -10.30
CA LEU A 191 -7.66 16.33 -11.36
C LEU A 191 -8.82 15.70 -12.11
N THR A 192 -9.83 16.50 -12.43
CA THR A 192 -10.92 16.02 -13.24
C THR A 192 -10.48 15.85 -14.69
N VAL A 193 -11.38 15.32 -15.51
CA VAL A 193 -11.03 15.01 -16.90
C VAL A 193 -10.63 16.27 -17.66
N ARG A 194 -11.40 17.34 -17.51
CA ARG A 194 -11.08 18.58 -18.20
C ARG A 194 -9.79 19.19 -17.67
N GLU A 195 -9.59 19.10 -16.35
CA GLU A 195 -8.58 19.90 -15.68
C GLU A 195 -7.18 19.51 -16.12
N THR A 196 -6.87 18.21 -16.06
CA THR A 196 -5.56 17.73 -16.45
C THR A 196 -5.34 17.90 -17.96
N LEU A 197 -6.39 17.73 -18.75
CA LEU A 197 -6.26 17.91 -20.20
C LEU A 197 -5.85 19.35 -20.53
N VAL A 198 -6.58 20.33 -19.99
CA VAL A 198 -6.22 21.72 -20.29
C VAL A 198 -4.86 22.07 -19.68
N PHE A 199 -4.50 21.45 -18.54
CA PHE A 199 -3.20 21.78 -17.96
C PHE A 199 -2.06 21.25 -18.80
N VAL A 200 -2.20 20.02 -19.32
CA VAL A 200 -1.21 19.48 -20.24
C VAL A 200 -1.14 20.33 -21.50
N ALA A 201 -2.30 20.84 -21.93
CA ALA A 201 -2.30 21.76 -23.07
C ALA A 201 -1.46 23.00 -22.79
N LEU A 202 -1.67 23.62 -21.63
CA LEU A 202 -0.85 24.80 -21.30
C LEU A 202 0.63 24.45 -21.18
N LEU A 203 0.95 23.29 -20.62
CA LEU A 203 2.34 22.92 -20.40
C LEU A 203 3.05 22.40 -21.65
N ARG A 204 2.32 22.05 -22.71
CA ARG A 204 2.92 21.47 -23.90
C ARG A 204 2.91 22.38 -25.12
N LEU A 205 1.76 22.95 -25.47
CA LEU A 205 1.67 23.78 -26.67
C LEU A 205 2.50 25.06 -26.49
N PRO A 206 3.02 25.61 -27.60
CA PRO A 206 3.94 26.75 -27.49
C PRO A 206 3.25 28.00 -26.97
N ARG A 207 4.09 28.93 -26.49
CA ARG A 207 3.61 30.16 -25.87
C ARG A 207 2.93 31.10 -26.86
N SER A 208 3.08 30.89 -28.16
CA SER A 208 2.40 31.70 -29.16
C SER A 208 0.94 31.31 -29.34
N LEU A 209 0.40 30.56 -28.38
CA LEU A 209 -0.95 30.00 -28.47
C LEU A 209 -1.67 30.41 -27.19
N THR A 210 -2.70 31.24 -27.33
CA THR A 210 -3.27 31.94 -26.17
C THR A 210 -4.05 30.98 -25.27
N ARG A 211 -4.29 31.43 -24.04
CA ARG A 211 -4.88 30.56 -23.01
C ARG A 211 -6.32 30.19 -23.34
N ASP A 212 -7.13 31.17 -23.76
CA ASP A 212 -8.54 30.91 -24.03
C ASP A 212 -8.70 29.91 -25.16
N VAL A 213 -7.95 30.12 -26.25
CA VAL A 213 -8.02 29.19 -27.36
C VAL A 213 -7.29 27.87 -27.03
N LYS A 214 -6.34 27.88 -26.09
CA LYS A 214 -5.81 26.62 -25.59
C LYS A 214 -6.90 25.80 -24.90
N LEU A 215 -7.71 26.47 -24.06
CA LEU A 215 -8.83 25.78 -23.42
C LEU A 215 -9.84 25.30 -24.45
N ARG A 216 -10.10 26.12 -25.47
CA ARG A 216 -11.01 25.71 -26.54
C ARG A 216 -10.49 24.47 -27.27
N ALA A 217 -9.19 24.44 -27.57
CA ALA A 217 -8.61 23.27 -28.23
C ALA A 217 -8.67 22.05 -27.33
N ALA A 218 -8.42 22.22 -26.03
CA ALA A 218 -8.51 21.09 -25.10
C ALA A 218 -9.94 20.56 -25.04
N GLU A 219 -10.93 21.45 -25.01
CA GLU A 219 -12.32 21.01 -25.02
C GLU A 219 -12.66 20.30 -26.33
N SER A 220 -12.13 20.80 -27.45
CA SER A 220 -12.37 20.14 -28.73
C SER A 220 -11.77 18.74 -28.75
N VAL A 221 -10.57 18.57 -28.20
CA VAL A 221 -9.97 17.25 -28.11
C VAL A 221 -10.78 16.34 -27.20
N ILE A 222 -11.26 16.88 -26.08
CA ILE A 222 -12.06 16.08 -25.14
C ILE A 222 -13.34 15.60 -25.81
N SER A 223 -14.03 16.50 -26.52
CA SER A 223 -15.25 16.11 -27.21
C SER A 223 -14.96 15.17 -28.38
N GLU A 224 -13.79 15.29 -28.99
CA GLU A 224 -13.42 14.43 -30.10
C GLU A 224 -13.19 12.99 -29.65
N LEU A 225 -12.67 12.79 -28.43
CA LEU A 225 -12.41 11.46 -27.90
C LEU A 225 -13.57 10.93 -27.08
N GLY A 226 -14.72 11.59 -27.12
CA GLY A 226 -15.90 11.12 -26.40
C GLY A 226 -15.77 11.15 -24.90
N LEU A 227 -15.22 12.24 -24.35
CA LEU A 227 -15.09 12.41 -22.90
C LEU A 227 -16.05 13.46 -22.36
N THR A 228 -17.05 13.86 -23.15
CA THR A 228 -17.99 14.88 -22.72
C THR A 228 -18.82 14.43 -21.53
N LYS A 229 -19.23 13.16 -21.52
CA LYS A 229 -20.07 12.66 -20.43
C LYS A 229 -19.31 12.63 -19.11
N CYS A 230 -18.03 12.26 -19.16
CA CYS A 230 -17.22 12.10 -17.95
C CYS A 230 -16.30 13.29 -17.69
N GLU A 231 -16.54 14.41 -18.36
CA GLU A 231 -15.67 15.57 -18.18
C GLU A 231 -15.77 16.13 -16.77
N ASN A 232 -16.92 15.94 -16.12
CA ASN A 232 -17.15 16.46 -14.78
C ASN A 232 -16.82 15.44 -13.69
N THR A 233 -16.00 14.45 -14.00
CA THR A 233 -15.61 13.42 -13.04
C THR A 233 -14.08 13.35 -12.96
N VAL A 234 -13.59 13.07 -11.75
CA VAL A 234 -12.15 12.96 -11.53
C VAL A 234 -11.61 11.71 -12.23
N VAL A 235 -10.33 11.75 -12.59
CA VAL A 235 -9.71 10.61 -13.25
C VAL A 235 -9.66 9.41 -12.32
N GLY A 236 -9.16 9.62 -11.10
CA GLY A 236 -9.14 8.56 -10.11
C GLY A 236 -8.08 7.51 -10.35
N ASN A 237 -7.98 6.55 -9.44
CA ASN A 237 -7.05 5.44 -9.57
C ASN A 237 -7.66 4.23 -8.86
N THR A 238 -6.82 3.23 -8.57
CA THR A 238 -7.29 2.06 -7.83
C THR A 238 -7.74 2.43 -6.42
N PHE A 239 -7.15 3.48 -5.84
CA PHE A 239 -7.49 3.89 -4.48
C PHE A 239 -8.79 4.69 -4.46
N ILE A 240 -8.81 5.83 -5.14
CA ILE A 240 -9.99 6.69 -5.17
C ILE A 240 -10.75 6.44 -6.48
N ARG A 241 -12.06 6.21 -6.37
CA ARG A 241 -12.86 5.91 -7.55
C ARG A 241 -12.94 7.12 -8.47
N GLY A 242 -12.79 6.87 -9.77
CA GLY A 242 -12.88 7.92 -10.75
C GLY A 242 -13.55 7.47 -12.03
N ILE A 243 -12.95 7.77 -13.18
CA ILE A 243 -13.50 7.35 -14.45
C ILE A 243 -13.16 5.88 -14.70
N SER A 244 -13.86 5.28 -15.67
CA SER A 244 -13.65 3.88 -15.99
C SER A 244 -12.30 3.68 -16.68
N GLY A 245 -11.93 2.42 -16.86
CA GLY A 245 -10.67 2.11 -17.52
C GLY A 245 -10.61 2.63 -18.95
N GLY A 246 -11.70 2.46 -19.71
CA GLY A 246 -11.74 2.98 -21.05
C GLY A 246 -11.65 4.50 -21.09
N GLU A 247 -12.38 5.17 -20.19
CA GLU A 247 -12.30 6.62 -20.12
C GLU A 247 -10.91 7.09 -19.71
N ARG A 248 -10.27 6.37 -18.77
CA ARG A 248 -8.92 6.72 -18.37
C ARG A 248 -7.94 6.56 -19.52
N LYS A 249 -8.08 5.47 -20.29
CA LYS A 249 -7.19 5.27 -21.43
C LYS A 249 -7.42 6.32 -22.51
N ARG A 250 -8.69 6.71 -22.72
CA ARG A 250 -8.97 7.78 -23.66
C ARG A 250 -8.37 9.12 -23.20
N VAL A 251 -8.41 9.38 -21.90
CA VAL A 251 -7.77 10.56 -21.35
C VAL A 251 -6.26 10.50 -21.58
N SER A 252 -5.67 9.32 -21.39
CA SER A 252 -4.24 9.15 -21.64
C SER A 252 -3.91 9.40 -23.11
N ILE A 253 -4.77 8.94 -24.02
CA ILE A 253 -4.55 9.20 -25.45
C ILE A 253 -4.65 10.69 -25.73
N ALA A 254 -5.66 11.36 -25.17
CA ALA A 254 -5.82 12.80 -25.37
C ALA A 254 -4.69 13.59 -24.74
N HIS A 255 -3.99 13.01 -23.76
CA HIS A 255 -2.82 13.67 -23.19
C HIS A 255 -1.76 13.94 -24.26
N GLU A 256 -1.50 12.96 -25.12
CA GLU A 256 -0.59 13.14 -26.24
C GLU A 256 -1.25 13.71 -27.48
N LEU A 257 -2.59 13.68 -27.54
CA LEU A 257 -3.31 14.20 -28.69
C LEU A 257 -3.40 15.73 -28.71
N LEU A 258 -3.10 16.39 -27.58
CA LEU A 258 -3.16 17.85 -27.55
C LEU A 258 -2.11 18.47 -28.47
N ILE A 259 -0.92 17.88 -28.52
CA ILE A 259 0.14 18.38 -29.39
C ILE A 259 -0.15 18.16 -30.86
N ASN A 260 -1.24 17.47 -31.19
CA ASN A 260 -1.64 17.13 -32.55
C ASN A 260 -0.54 16.36 -33.26
N PRO A 261 -0.27 15.12 -32.84
CA PRO A 261 0.82 14.35 -33.47
C PRO A 261 0.34 13.53 -34.65
N SER A 262 1.13 13.57 -35.73
CA SER A 262 0.83 12.77 -36.90
C SER A 262 1.18 11.30 -36.70
N LEU A 263 2.24 11.02 -35.94
CA LEU A 263 2.67 9.66 -35.66
C LEU A 263 2.34 9.33 -34.21
N LEU A 264 1.31 8.51 -34.03
CA LEU A 264 0.82 8.11 -32.71
C LEU A 264 1.25 6.68 -32.44
N VAL A 265 2.16 6.49 -31.49
CA VAL A 265 2.63 5.17 -31.08
C VAL A 265 1.93 4.81 -29.77
N LEU A 266 1.41 3.59 -29.70
CA LEU A 266 0.56 3.16 -28.59
C LEU A 266 1.04 1.79 -28.08
N ASP A 267 1.89 1.81 -27.06
CA ASP A 267 2.46 0.58 -26.50
C ASP A 267 1.39 -0.09 -25.62
N GLU A 268 0.65 -1.03 -26.22
CA GLU A 268 -0.37 -1.80 -25.53
C GLU A 268 -1.41 -0.94 -24.81
N PRO A 269 -2.23 -0.17 -25.53
CA PRO A 269 -3.31 0.57 -24.87
C PRO A 269 -4.56 -0.26 -24.67
N THR A 270 -4.77 -1.24 -25.55
CA THR A 270 -5.98 -2.05 -25.58
C THR A 270 -5.95 -3.17 -24.52
N SER A 271 -4.78 -3.46 -23.96
CA SER A 271 -4.67 -4.55 -23.01
C SER A 271 -5.40 -4.24 -21.70
N GLY A 272 -6.08 -5.25 -21.17
CA GLY A 272 -6.69 -5.17 -19.85
C GLY A 272 -7.87 -4.24 -19.67
N LEU A 273 -8.81 -4.23 -20.62
CA LEU A 273 -10.08 -3.55 -20.43
C LEU A 273 -11.22 -4.43 -20.93
N ASP A 274 -12.45 -3.97 -20.69
CA ASP A 274 -13.63 -4.72 -21.06
C ASP A 274 -13.78 -4.81 -22.57
N ALA A 275 -14.55 -5.79 -23.02
CA ALA A 275 -14.75 -6.00 -24.45
C ALA A 275 -15.39 -4.79 -25.11
N THR A 276 -16.43 -4.24 -24.49
CA THR A 276 -17.10 -3.07 -25.06
C THR A 276 -16.19 -1.84 -24.99
N ALA A 277 -15.46 -1.67 -23.88
CA ALA A 277 -14.53 -0.55 -23.77
C ALA A 277 -13.42 -0.65 -24.79
N ALA A 278 -12.86 -1.86 -24.98
CA ALA A 278 -11.84 -2.05 -25.99
C ALA A 278 -12.39 -1.79 -27.39
N LEU A 279 -13.62 -2.25 -27.65
CA LEU A 279 -14.24 -2.01 -28.95
C LEU A 279 -14.38 -0.52 -29.21
N ARG A 280 -14.85 0.24 -28.20
CA ARG A 280 -14.97 1.68 -28.37
C ARG A 280 -13.61 2.34 -28.58
N LEU A 281 -12.59 1.89 -27.85
CA LEU A 281 -11.26 2.47 -28.01
C LEU A 281 -10.73 2.24 -29.42
N VAL A 282 -10.87 1.02 -29.94
CA VAL A 282 -10.38 0.74 -31.28
C VAL A 282 -11.21 1.48 -32.34
N GLN A 283 -12.52 1.60 -32.12
CA GLN A 283 -13.32 2.35 -33.08
C GLN A 283 -12.91 3.81 -33.12
N THR A 284 -12.64 4.40 -31.95
CA THR A 284 -12.17 5.78 -31.89
C THR A 284 -10.82 5.93 -32.59
N LEU A 285 -9.90 4.99 -32.33
CA LEU A 285 -8.58 5.06 -32.93
C LEU A 285 -8.66 4.93 -34.45
N ALA A 286 -9.47 3.99 -34.94
CA ALA A 286 -9.62 3.82 -36.38
C ALA A 286 -10.26 5.04 -37.02
N GLY A 287 -11.27 5.62 -36.36
CA GLY A 287 -11.89 6.82 -36.87
C GLY A 287 -10.90 7.98 -36.98
N LEU A 288 -10.08 8.17 -35.94
CA LEU A 288 -9.06 9.21 -36.00
C LEU A 288 -8.06 8.93 -37.12
N ALA A 289 -7.58 7.69 -37.22
CA ALA A 289 -6.58 7.36 -38.23
C ALA A 289 -7.12 7.58 -39.64
N HIS A 290 -8.39 7.26 -39.87
CA HIS A 290 -8.96 7.44 -41.19
C HIS A 290 -9.28 8.89 -41.49
N GLY A 291 -10.11 9.52 -40.66
CA GLY A 291 -10.55 10.87 -40.95
C GLY A 291 -9.44 11.90 -40.88
N LYS A 292 -8.60 11.85 -39.84
CA LYS A 292 -7.57 12.84 -39.63
C LYS A 292 -6.24 12.48 -40.27
N GLY A 293 -6.13 11.29 -40.86
CA GLY A 293 -4.91 10.88 -41.52
C GLY A 293 -3.72 10.78 -40.59
N LYS A 294 -3.92 10.15 -39.43
CA LYS A 294 -2.87 10.01 -38.42
C LYS A 294 -2.20 8.66 -38.59
N THR A 295 -0.86 8.68 -38.64
CA THR A 295 -0.07 7.46 -38.74
C THR A 295 -0.06 6.77 -37.38
N VAL A 296 -0.92 5.77 -37.22
CA VAL A 296 -1.13 5.11 -35.93
C VAL A 296 -0.41 3.77 -35.94
N VAL A 297 0.47 3.57 -34.97
CA VAL A 297 1.15 2.28 -34.77
C VAL A 297 0.87 1.87 -33.34
N THR A 298 0.04 0.85 -33.16
CA THR A 298 -0.38 0.39 -31.84
C THR A 298 0.04 -1.05 -31.62
N SER A 299 -0.03 -1.46 -30.36
CA SER A 299 0.25 -2.84 -29.98
C SER A 299 -0.90 -3.37 -29.13
N ILE A 300 -1.21 -4.66 -29.32
CA ILE A 300 -2.29 -5.32 -28.57
C ILE A 300 -1.80 -6.70 -28.17
N HIS A 301 -2.04 -7.08 -26.91
CA HIS A 301 -1.67 -8.42 -26.47
C HIS A 301 -2.59 -9.47 -27.10
N GLN A 302 -3.88 -9.20 -27.16
CA GLN A 302 -4.85 -10.06 -27.85
C GLN A 302 -6.08 -9.24 -28.20
N PRO A 303 -6.43 -9.14 -29.48
CA PRO A 303 -7.62 -8.37 -29.86
C PRO A 303 -8.87 -9.23 -30.02
N SER A 304 -10.04 -8.61 -29.88
CA SER A 304 -11.29 -9.29 -30.17
C SER A 304 -11.53 -9.33 -31.68
N SER A 305 -12.49 -10.14 -32.10
CA SER A 305 -12.77 -10.32 -33.52
C SER A 305 -13.19 -9.01 -34.18
N ARG A 306 -14.19 -8.35 -33.60
CA ARG A 306 -14.61 -7.04 -34.12
C ARG A 306 -13.47 -6.04 -34.05
N VAL A 307 -12.68 -6.09 -32.98
CA VAL A 307 -11.48 -5.27 -32.89
C VAL A 307 -10.49 -5.63 -33.98
N PHE A 308 -10.23 -6.94 -34.14
CA PHE A 308 -9.20 -7.38 -35.07
C PHE A 308 -9.53 -7.00 -36.51
N GLN A 309 -10.81 -7.00 -36.88
CA GLN A 309 -11.16 -6.72 -38.27
C GLN A 309 -11.05 -5.24 -38.64
N MET A 310 -10.51 -4.38 -37.76
CA MET A 310 -10.54 -2.95 -37.99
C MET A 310 -9.17 -2.33 -38.30
N PHE A 311 -8.10 -3.12 -38.21
CA PHE A 311 -6.74 -2.61 -38.53
C PHE A 311 -6.44 -2.78 -40.01
N ASP A 312 -5.91 -1.73 -40.66
CA ASP A 312 -5.52 -1.86 -42.06
C ASP A 312 -4.20 -2.61 -42.22
N THR A 313 -3.31 -2.51 -41.24
CA THR A 313 -1.99 -3.13 -41.32
C THR A 313 -1.71 -3.90 -40.04
N VAL A 314 -1.15 -5.10 -40.18
CA VAL A 314 -0.84 -5.96 -39.05
C VAL A 314 0.61 -6.42 -39.18
N LEU A 315 1.41 -6.16 -38.15
CA LEU A 315 2.75 -6.70 -38.02
C LEU A 315 2.73 -7.83 -37.00
N LEU A 316 3.54 -8.87 -37.28
CA LEU A 316 3.54 -10.07 -36.40
C LEU A 316 4.96 -10.34 -35.88
N LEU A 317 5.12 -10.40 -34.56
CA LEU A 317 6.42 -10.68 -33.94
C LEU A 317 6.35 -11.95 -33.12
N SER A 318 7.48 -12.65 -33.06
CA SER A 318 7.62 -13.86 -32.25
C SER A 318 9.06 -13.95 -31.78
N GLU A 319 9.25 -13.90 -30.46
CA GLU A 319 10.59 -14.03 -29.85
C GLU A 319 11.57 -13.02 -30.44
N GLY A 320 11.06 -11.82 -30.74
CA GLY A 320 11.90 -10.76 -31.27
C GLY A 320 12.14 -10.80 -32.76
N LYS A 321 11.47 -11.69 -33.49
CA LYS A 321 11.66 -11.82 -34.94
C LYS A 321 10.33 -11.58 -35.66
N CYS A 322 10.40 -10.84 -36.77
CA CYS A 322 9.21 -10.54 -37.54
C CYS A 322 8.82 -11.74 -38.39
N LEU A 323 7.51 -12.02 -38.46
CA LEU A 323 7.00 -13.15 -39.21
C LEU A 323 6.13 -12.77 -40.39
N PHE A 324 5.24 -11.79 -40.23
CA PHE A 324 4.34 -11.39 -41.31
C PHE A 324 4.19 -9.88 -41.33
N VAL A 325 4.12 -9.33 -42.53
CA VAL A 325 3.89 -7.89 -42.73
C VAL A 325 2.86 -7.73 -43.84
N GLY A 326 1.88 -6.88 -43.60
CA GLY A 326 0.86 -6.58 -44.60
C GLY A 326 -0.50 -6.41 -43.97
N LYS A 327 -1.53 -6.44 -44.82
CA LYS A 327 -2.90 -6.27 -44.36
C LYS A 327 -3.36 -7.47 -43.54
N GLY A 328 -4.27 -7.21 -42.61
CA GLY A 328 -4.82 -8.28 -41.80
C GLY A 328 -5.65 -9.27 -42.59
N ARG A 329 -6.36 -8.79 -43.61
CA ARG A 329 -7.21 -9.67 -44.41
C ARG A 329 -6.40 -10.71 -45.16
N ASP A 330 -5.26 -10.31 -45.73
CA ASP A 330 -4.44 -11.23 -46.53
C ASP A 330 -3.53 -12.11 -45.68
N ALA A 331 -3.48 -11.91 -44.36
CA ALA A 331 -2.66 -12.75 -43.50
C ALA A 331 -3.11 -14.20 -43.55
N MET A 332 -4.43 -14.43 -43.52
CA MET A 332 -4.95 -15.79 -43.58
C MET A 332 -4.58 -16.46 -44.89
N ALA A 333 -4.71 -15.74 -46.00
CA ALA A 333 -4.36 -16.30 -47.30
C ALA A 333 -2.86 -16.60 -47.37
N TYR A 334 -2.03 -15.70 -46.85
CA TYR A 334 -0.58 -15.93 -46.87
C TYR A 334 -0.21 -17.15 -46.04
N PHE A 335 -0.80 -17.29 -44.85
CA PHE A 335 -0.49 -18.44 -44.01
C PHE A 335 -1.01 -19.74 -44.61
N GLU A 336 -2.16 -19.70 -45.28
CA GLU A 336 -2.63 -20.88 -45.99
C GLU A 336 -1.70 -21.25 -47.14
N SER A 337 -1.16 -20.25 -47.83
CA SER A 337 -0.18 -20.50 -48.88
C SER A 337 1.08 -21.13 -48.30
N VAL A 338 1.52 -20.66 -47.13
CA VAL A 338 2.66 -21.28 -46.47
C VAL A 338 2.34 -22.71 -46.06
N GLY A 339 1.09 -22.96 -45.66
CA GLY A 339 0.68 -24.30 -45.28
C GLY A 339 0.07 -24.40 -43.89
N PHE A 340 -0.47 -23.29 -43.40
CA PHE A 340 -1.13 -23.25 -42.09
C PHE A 340 -2.58 -22.81 -42.30
N SER A 341 -3.51 -23.72 -42.00
CA SER A 341 -4.94 -23.49 -42.20
C SER A 341 -5.69 -23.83 -40.92
N PRO A 342 -6.77 -23.12 -40.63
CA PRO A 342 -7.52 -23.40 -39.40
C PRO A 342 -8.20 -24.76 -39.45
N ALA A 343 -8.28 -25.38 -38.27
CA ALA A 343 -9.00 -26.63 -38.10
C ALA A 343 -10.41 -26.45 -37.54
N PHE A 344 -10.78 -25.22 -37.20
CA PHE A 344 -12.09 -24.93 -36.64
C PHE A 344 -12.38 -23.45 -36.84
N PRO A 345 -13.65 -23.04 -36.83
CA PRO A 345 -13.96 -21.60 -36.85
C PRO A 345 -13.33 -20.89 -35.67
N MET A 346 -12.52 -19.85 -35.95
CA MET A 346 -11.74 -19.21 -34.90
C MET A 346 -11.29 -17.84 -35.38
N ASN A 347 -10.99 -16.97 -34.40
CA ASN A 347 -10.58 -15.57 -34.70
C ASN A 347 -9.16 -15.57 -35.28
N PRO A 348 -8.95 -15.05 -36.50
CA PRO A 348 -7.59 -14.99 -37.08
C PRO A 348 -6.58 -14.29 -36.20
N ALA A 349 -7.02 -13.37 -35.33
CA ALA A 349 -6.10 -12.77 -34.37
C ALA A 349 -5.50 -13.81 -33.44
N ASP A 350 -6.34 -14.74 -32.94
CA ASP A 350 -5.83 -15.85 -32.16
C ASP A 350 -4.93 -16.77 -33.01
N PHE A 351 -5.21 -16.85 -34.32
CA PHE A 351 -4.35 -17.64 -35.21
C PHE A 351 -2.94 -17.08 -35.24
N LEU A 352 -2.82 -15.75 -35.33
CA LEU A 352 -1.51 -15.11 -35.38
C LEU A 352 -0.70 -15.40 -34.11
N LEU A 353 -1.35 -15.35 -32.95
CA LEU A 353 -0.63 -15.60 -31.69
C LEU A 353 -0.11 -17.03 -31.61
N ASP A 354 -0.89 -17.99 -32.07
CA ASP A 354 -0.52 -19.39 -31.94
C ASP A 354 0.78 -19.68 -32.70
N LEU A 355 0.88 -19.22 -33.94
CA LEU A 355 2.13 -19.40 -34.69
C LEU A 355 3.25 -18.58 -34.07
N ALA A 356 2.96 -17.38 -33.60
CA ALA A 356 3.97 -16.51 -33.03
C ALA A 356 4.45 -17.04 -31.68
N ILE A 415 16.93 35.71 -22.47
CA ILE A 415 17.02 35.46 -21.04
C ILE A 415 15.67 35.75 -20.38
N THR A 416 15.10 36.92 -20.69
CA THR A 416 13.82 37.29 -20.12
C THR A 416 12.70 36.35 -20.55
N THR A 417 12.77 35.85 -21.80
CA THR A 417 11.79 34.87 -22.24
C THR A 417 11.88 33.59 -21.44
N CYS A 418 13.11 33.15 -21.13
CA CYS A 418 13.28 31.95 -20.31
C CYS A 418 12.70 32.15 -18.92
N ILE A 419 12.91 33.33 -18.33
CA ILE A 419 12.34 33.61 -17.01
C ILE A 419 10.81 33.64 -17.07
N ALA A 420 10.25 34.22 -18.13
CA ALA A 420 8.80 34.26 -18.27
C ALA A 420 8.23 32.85 -18.40
N THR A 421 8.88 32.00 -19.21
CA THR A 421 8.42 30.62 -19.34
C THR A 421 8.54 29.89 -18.02
N TRP A 422 9.63 30.09 -17.29
CA TRP A 422 9.80 29.46 -15.98
C TRP A 422 8.69 29.88 -15.04
N PHE A 423 8.39 31.18 -14.97
CA PHE A 423 7.35 31.65 -14.06
C PHE A 423 5.98 31.09 -14.44
N SER A 424 5.64 31.13 -15.74
CA SER A 424 4.33 30.66 -16.17
C SER A 424 4.15 29.18 -15.92
N GLN A 425 5.17 28.38 -16.26
CA GLN A 425 5.06 26.94 -16.08
C GLN A 425 5.14 26.54 -14.61
N LEU A 426 5.89 27.29 -13.80
CA LEU A 426 5.86 27.08 -12.36
C LEU A 426 4.48 27.35 -11.80
N CYS A 427 3.84 28.43 -12.25
CA CYS A 427 2.51 28.77 -11.76
C CYS A 427 1.49 27.70 -12.14
N ILE A 428 1.51 27.24 -13.40
CA ILE A 428 0.52 26.25 -13.81
C ILE A 428 0.78 24.92 -13.13
N LEU A 429 2.05 24.56 -12.94
CA LEU A 429 2.35 23.33 -12.20
C LEU A 429 1.88 23.42 -10.75
N LEU A 430 2.06 24.57 -10.10
CA LEU A 430 1.57 24.74 -8.74
C LEU A 430 0.05 24.63 -8.70
N HIS A 431 -0.64 25.27 -9.64
CA HIS A 431 -2.09 25.18 -9.67
C HIS A 431 -2.56 23.75 -9.90
N ARG A 432 -1.87 23.02 -10.78
CA ARG A 432 -2.22 21.62 -11.02
C ARG A 432 -2.01 20.77 -9.78
N LEU A 433 -0.91 20.99 -9.06
CA LEU A 433 -0.64 20.23 -7.85
C LEU A 433 -1.51 20.65 -6.67
N LEU A 434 -2.16 21.81 -6.76
CA LEU A 434 -3.09 22.20 -5.70
C LEU A 434 -4.23 21.19 -5.56
N LYS A 435 -4.70 20.64 -6.67
CA LYS A 435 -5.76 19.63 -6.61
C LYS A 435 -5.29 18.39 -5.86
N GLU A 436 -4.05 17.96 -6.11
CA GLU A 436 -3.50 16.83 -5.35
C GLU A 436 -3.35 17.17 -3.88
N ARG A 437 -2.80 18.34 -3.57
CA ARG A 437 -2.61 18.75 -2.17
C ARG A 437 -3.94 18.92 -1.44
N ARG A 438 -5.03 19.13 -2.17
CA ARG A 438 -6.34 19.30 -1.54
C ARG A 438 -6.74 18.07 -0.72
N HIS A 439 -6.35 16.88 -1.16
CA HIS A 439 -6.73 15.66 -0.44
C HIS A 439 -5.58 14.66 -0.33
N GLU A 440 -4.34 15.12 -0.46
CA GLU A 440 -3.22 14.23 -0.16
C GLU A 440 -3.27 13.78 1.30
N SER A 441 -3.63 14.70 2.21
CA SER A 441 -3.78 14.32 3.61
C SER A 441 -4.98 14.95 4.30
N PHE A 442 -5.92 15.57 3.57
CA PHE A 442 -7.16 16.04 4.17
C PHE A 442 -8.06 14.91 4.64
N ASP A 443 -7.77 13.66 4.28
CA ASP A 443 -8.56 12.52 4.72
C ASP A 443 -8.65 12.48 6.24
N LEU A 444 -9.70 11.81 6.72
CA LEU A 444 -9.96 11.75 8.15
C LEU A 444 -8.79 11.13 8.91
N LEU A 445 -8.03 10.24 8.27
CA LEU A 445 -6.94 9.52 8.93
C LEU A 445 -5.94 10.46 9.59
N ARG A 446 -5.78 11.66 9.04
CA ARG A 446 -4.82 12.60 9.57
C ARG A 446 -5.44 13.82 10.23
N ILE A 447 -6.51 14.38 9.65
CA ILE A 447 -7.15 15.55 10.26
C ILE A 447 -7.80 15.15 11.58
N PHE A 448 -8.40 13.95 11.64
CA PHE A 448 -8.96 13.48 12.90
C PHE A 448 -7.88 13.29 13.94
N GLN A 449 -6.74 12.73 13.54
CA GLN A 449 -5.63 12.56 14.46
C GLN A 449 -5.12 13.91 14.97
N VAL A 450 -4.99 14.89 14.07
CA VAL A 450 -4.50 16.20 14.47
C VAL A 450 -5.46 16.88 15.44
N VAL A 451 -6.77 16.82 15.15
CA VAL A 451 -7.74 17.47 16.03
C VAL A 451 -7.81 16.76 17.38
N ALA A 452 -7.72 15.42 17.39
CA ALA A 452 -7.71 14.69 18.65
C ALA A 452 -6.47 15.02 19.46
N ALA A 453 -5.32 15.12 18.79
CA ALA A 453 -4.09 15.50 19.47
C ALA A 453 -4.21 16.90 20.06
N SER A 454 -4.80 17.84 19.31
CA SER A 454 -4.99 19.20 19.82
C SER A 454 -5.88 19.20 21.05
N ILE A 455 -7.00 18.46 20.98
CA ILE A 455 -7.93 18.44 22.10
C ILE A 455 -7.27 17.84 23.33
N LEU A 456 -6.60 16.70 23.17
CA LEU A 456 -6.02 16.02 24.33
C LEU A 456 -4.77 16.74 24.85
N CYS A 457 -4.07 17.48 23.99
CA CYS A 457 -2.95 18.28 24.47
C CYS A 457 -3.45 19.48 25.27
N GLY A 458 -4.49 20.15 24.79
CA GLY A 458 -5.06 21.24 25.55
C GLY A 458 -5.69 20.79 26.85
N LEU A 459 -6.28 19.60 26.86
CA LEU A 459 -6.92 19.09 28.06
C LEU A 459 -5.90 18.54 29.05
N MET A 460 -4.79 17.99 28.55
CA MET A 460 -3.75 17.48 29.44
C MET A 460 -3.10 18.60 30.23
N TRP A 461 -2.69 19.68 29.56
CA TRP A 461 -2.07 20.83 30.20
C TRP A 461 -3.07 21.95 30.44
N TRP A 462 -4.32 21.60 30.75
CA TRP A 462 -5.38 22.58 30.90
C TRP A 462 -5.01 23.63 31.94
N HIS A 463 -4.89 24.87 31.49
CA HIS A 463 -4.48 26.00 32.34
C HIS A 463 -3.16 25.70 33.05
N SER A 464 -2.18 25.25 32.25
CA SER A 464 -0.86 24.96 32.79
C SER A 464 -0.21 26.22 33.36
N ASP A 465 0.33 26.11 34.56
CA ASP A 465 0.91 27.25 35.23
C ASP A 465 2.30 27.56 34.69
N TYR A 466 2.83 28.71 35.07
CA TYR A 466 4.21 29.07 34.74
C TYR A 466 5.20 28.50 35.75
N ARG A 467 4.74 28.06 36.92
CA ARG A 467 5.65 27.57 37.95
C ARG A 467 6.22 26.20 37.57
N ASP A 468 5.37 25.29 37.10
CA ASP A 468 5.83 23.95 36.74
C ASP A 468 6.57 23.98 35.40
N VAL A 469 7.90 24.08 35.48
CA VAL A 469 8.71 24.14 34.26
C VAL A 469 8.69 22.82 33.52
N HIS A 470 8.69 21.70 34.26
CA HIS A 470 8.83 20.39 33.64
C HIS A 470 7.66 20.08 32.72
N ASP A 471 6.44 20.36 33.18
CA ASP A 471 5.23 20.05 32.37
C ASP A 471 5.32 20.83 31.05
N ARG A 472 5.50 22.16 31.13
CA ARG A 472 5.52 22.98 29.93
C ARG A 472 6.65 22.59 29.00
N LEU A 473 7.83 22.29 29.54
CA LEU A 473 8.94 21.85 28.71
C LEU A 473 8.64 20.53 28.02
N GLY A 474 8.00 19.60 28.72
CA GLY A 474 7.59 18.36 28.10
C GLY A 474 6.55 18.56 27.02
N LEU A 475 5.61 19.49 27.25
CA LEU A 475 4.62 19.80 26.23
C LEU A 475 5.27 20.36 24.97
N LEU A 476 6.23 21.28 25.14
CA LEU A 476 6.94 21.84 23.99
C LEU A 476 7.74 20.76 23.26
N PHE A 477 8.40 19.88 24.01
CA PHE A 477 9.16 18.80 23.39
C PHE A 477 8.25 17.86 22.62
N PHE A 478 7.08 17.54 23.18
CA PHE A 478 6.14 16.67 22.49
C PHE A 478 5.60 17.33 21.24
N ILE A 479 5.36 18.65 21.29
CA ILE A 479 4.93 19.37 20.09
C ILE A 479 5.99 19.29 19.01
N SER A 480 7.26 19.48 19.39
CA SER A 480 8.36 19.38 18.44
C SER A 480 8.43 17.97 17.83
N ILE A 481 8.28 16.95 18.67
CA ILE A 481 8.31 15.58 18.17
C ILE A 481 7.16 15.33 17.20
N PHE A 482 5.97 15.83 17.55
CA PHE A 482 4.79 15.62 16.70
C PHE A 482 4.95 16.31 15.35
N TRP A 483 5.52 17.52 15.33
CA TRP A 483 5.64 18.27 14.08
C TRP A 483 6.97 18.07 13.38
N GLY A 484 7.83 17.20 13.89
CA GLY A 484 9.02 16.86 13.15
C GLY A 484 8.85 15.62 12.29
N VAL A 485 8.20 14.60 12.82
CA VAL A 485 8.03 13.34 12.11
C VAL A 485 6.80 13.35 11.20
N LEU A 486 5.71 14.04 11.57
CA LEU A 486 4.53 14.03 10.73
C LEU A 486 4.77 14.67 9.38
N PRO A 487 5.28 15.92 9.27
CA PRO A 487 5.56 16.46 7.93
C PRO A 487 6.61 15.69 7.17
N SER A 488 7.64 15.18 7.87
CA SER A 488 8.67 14.40 7.20
C SER A 488 8.09 13.10 6.64
N PHE A 489 7.25 12.43 7.43
CA PHE A 489 6.61 11.20 6.95
C PHE A 489 5.67 11.47 5.79
N ASN A 490 4.95 12.60 5.84
CA ASN A 490 4.07 12.96 4.73
C ASN A 490 4.87 13.24 3.46
N ALA A 491 5.99 13.94 3.60
CA ALA A 491 6.80 14.33 2.45
C ALA A 491 7.56 13.15 1.86
N VAL A 492 7.94 12.17 2.67
CA VAL A 492 8.74 11.05 2.15
C VAL A 492 7.96 10.16 1.18
N PHE A 493 6.62 10.23 1.21
CA PHE A 493 5.81 9.38 0.34
C PHE A 493 5.43 10.03 -0.97
N THR A 494 5.54 11.36 -1.07
CA THR A 494 5.09 12.04 -2.29
C THR A 494 6.06 11.80 -3.45
N PHE A 495 7.35 11.68 -3.15
CA PHE A 495 8.36 11.63 -4.20
C PHE A 495 8.39 10.27 -4.89
N PRO A 496 8.47 9.10 -4.19
CA PRO A 496 8.40 7.80 -4.88
C PRO A 496 7.07 7.69 -5.64
N GLN A 497 5.97 8.14 -5.05
CA GLN A 497 4.67 7.97 -5.70
C GLN A 497 4.64 8.67 -7.05
N GLU A 498 5.20 9.87 -7.13
CA GLU A 498 5.18 10.66 -8.35
C GLU A 498 6.43 10.49 -9.20
N ARG A 499 7.35 9.60 -8.81
CA ARG A 499 8.58 9.43 -9.57
C ARG A 499 8.32 8.99 -11.00
N ALA A 500 7.43 8.00 -11.18
CA ALA A 500 7.18 7.47 -12.52
C ALA A 500 6.53 8.51 -13.42
N ILE A 501 5.51 9.20 -12.91
CA ILE A 501 4.83 10.21 -13.73
C ILE A 501 5.77 11.37 -14.02
N PHE A 502 6.62 11.75 -13.05
CA PHE A 502 7.59 12.80 -13.29
C PHE A 502 8.59 12.40 -14.38
N THR A 503 9.07 11.15 -14.34
CA THR A 503 9.99 10.70 -15.37
C THR A 503 9.34 10.69 -16.74
N ARG A 504 8.10 10.18 -16.83
CA ARG A 504 7.40 10.15 -18.11
C ARG A 504 7.16 11.56 -18.63
N GLU A 505 6.80 12.49 -17.75
CA GLU A 505 6.46 13.85 -18.18
C GLU A 505 7.70 14.65 -18.53
N ARG A 506 8.84 14.34 -17.88
CA ARG A 506 10.10 14.99 -18.21
C ARG A 506 10.70 14.43 -19.49
N ALA A 507 10.44 13.15 -19.79
CA ALA A 507 10.99 12.55 -21.00
C ALA A 507 10.55 13.31 -22.26
N SER A 508 9.32 13.78 -22.28
CA SER A 508 8.83 14.59 -23.40
C SER A 508 9.36 16.01 -23.37
N GLY A 509 10.01 16.43 -22.28
CA GLY A 509 10.52 17.78 -22.19
C GLY A 509 9.47 18.85 -22.01
N MET A 510 8.30 18.49 -21.48
CA MET A 510 7.21 19.45 -21.34
C MET A 510 7.53 20.52 -20.30
N TYR A 511 8.19 20.12 -19.20
CA TYR A 511 8.61 21.07 -18.18
C TYR A 511 9.96 20.64 -17.61
N THR A 512 10.62 21.58 -16.95
CA THR A 512 11.94 21.35 -16.38
C THR A 512 11.83 20.84 -14.95
N LEU A 513 12.96 20.39 -14.40
CA LEU A 513 12.99 19.82 -13.06
C LEU A 513 12.82 20.89 -11.99
N SER A 514 13.52 22.02 -12.13
CA SER A 514 13.49 23.05 -11.10
C SER A 514 12.10 23.63 -10.93
N SER A 515 11.38 23.85 -12.03
CA SER A 515 10.01 24.36 -11.94
C SER A 515 9.10 23.37 -11.24
N TYR A 516 9.24 22.08 -11.54
CA TYR A 516 8.43 21.07 -10.88
C TYR A 516 8.71 21.04 -9.38
N PHE A 517 10.00 21.11 -9.01
CA PHE A 517 10.36 21.12 -7.60
C PHE A 517 9.76 22.35 -6.91
N MET A 518 9.88 23.52 -7.54
CA MET A 518 9.35 24.74 -6.93
C MET A 518 7.83 24.67 -6.77
N ALA A 519 7.12 24.17 -7.79
CA ALA A 519 5.68 24.04 -7.68
C ALA A 519 5.29 23.07 -6.57
N HIS A 520 5.96 21.92 -6.50
CA HIS A 520 5.65 20.95 -5.46
C HIS A 520 5.92 21.52 -4.07
N VAL A 521 7.03 22.25 -3.92
CA VAL A 521 7.36 22.79 -2.60
C VAL A 521 6.37 23.90 -2.23
N LEU A 522 5.94 24.71 -3.19
CA LEU A 522 4.95 25.74 -2.89
C LEU A 522 3.61 25.12 -2.51
N GLY A 523 3.21 24.05 -3.20
CA GLY A 523 2.00 23.35 -2.84
C GLY A 523 2.09 22.75 -1.45
N SER A 524 3.24 22.16 -1.12
CA SER A 524 3.42 21.57 0.21
C SER A 524 3.41 22.63 1.30
N LEU A 525 4.02 23.80 1.03
CA LEU A 525 4.00 24.90 1.98
C LEU A 525 2.58 25.41 2.21
N SER A 526 1.81 25.57 1.13
CA SER A 526 0.40 25.94 1.28
C SER A 526 -0.37 24.85 2.01
N MET A 527 0.08 23.61 1.87
CA MET A 527 -0.65 22.47 2.44
C MET A 527 -0.43 22.34 3.95
N GLU A 528 0.82 22.23 4.38
CA GLU A 528 1.13 21.86 5.76
C GLU A 528 1.30 23.04 6.69
N LEU A 529 0.69 24.20 6.40
CA LEU A 529 0.71 25.33 7.32
C LEU A 529 -0.61 25.52 8.05
N VAL A 530 -1.74 25.13 7.46
CA VAL A 530 -3.03 25.33 8.12
C VAL A 530 -3.19 24.41 9.32
N LEU A 531 -2.78 23.14 9.17
CA LEU A 531 -2.92 22.20 10.28
C LEU A 531 -2.08 22.59 11.49
N PRO A 532 -0.78 22.89 11.37
CA PRO A 532 -0.04 23.36 12.55
C PRO A 532 -0.57 24.67 13.11
N ALA A 533 -1.07 25.56 12.24
CA ALA A 533 -1.64 26.81 12.73
C ALA A 533 -2.86 26.54 13.60
N SER A 534 -3.75 25.65 13.16
CA SER A 534 -4.91 25.29 13.98
C SER A 534 -4.48 24.58 15.26
N PHE A 535 -3.47 23.70 15.16
CA PHE A 535 -2.96 23.01 16.33
C PHE A 535 -2.50 24.01 17.39
N LEU A 536 -1.63 24.94 16.99
CA LEU A 536 -1.11 25.94 17.96
C LEU A 536 -2.28 26.79 18.46
N THR A 537 -3.14 27.26 17.57
CA THR A 537 -4.23 28.15 17.98
C THR A 537 -5.08 27.50 19.06
N PHE A 538 -5.39 26.21 18.90
CA PHE A 538 -6.16 25.50 19.92
C PHE A 538 -5.33 25.30 21.19
N THR A 539 -4.08 24.86 21.04
CA THR A 539 -3.28 24.46 22.20
C THR A 539 -2.93 25.66 23.07
N TYR A 540 -2.55 26.77 22.45
CA TYR A 540 -2.13 27.97 23.21
C TYR A 540 -3.28 28.42 24.14
N TRP A 541 -4.51 28.48 23.60
CA TRP A 541 -5.63 28.99 24.38
C TRP A 541 -6.18 27.95 25.34
N MET A 542 -6.07 26.65 25.01
CA MET A 542 -6.54 25.62 25.93
C MET A 542 -5.60 25.40 27.11
N VAL A 543 -4.29 25.41 26.89
CA VAL A 543 -3.34 25.18 27.98
C VAL A 543 -2.98 26.44 28.75
N TYR A 544 -3.40 27.61 28.28
CA TYR A 544 -3.13 28.89 28.94
C TYR A 544 -1.62 29.12 29.09
N LEU A 545 -0.96 29.26 27.94
CA LEU A 545 0.46 29.55 27.91
C LEU A 545 0.67 31.04 28.22
N ARG A 546 1.89 31.52 28.02
CA ARG A 546 2.20 32.90 28.36
C ARG A 546 1.33 33.86 27.55
N PRO A 547 0.82 34.93 28.15
CA PRO A 547 -0.03 35.86 27.40
C PRO A 547 0.77 36.71 26.44
N GLY A 548 0.10 37.21 25.41
CA GLY A 548 0.73 38.10 24.47
C GLY A 548 0.52 37.70 23.02
N ILE A 549 0.11 38.66 22.20
CA ILE A 549 -0.06 38.40 20.76
C ILE A 549 1.30 38.22 20.10
N VAL A 550 2.27 39.05 20.46
CA VAL A 550 3.61 38.93 19.87
C VAL A 550 4.25 37.57 20.17
N PRO A 551 4.24 37.06 21.40
CA PRO A 551 4.72 35.68 21.61
C PRO A 551 3.95 34.65 20.82
N PHE A 552 2.63 34.84 20.65
CA PHE A 552 1.84 33.93 19.83
C PHE A 552 2.34 33.89 18.40
N LEU A 553 2.56 35.06 17.80
CA LEU A 553 3.09 35.12 16.45
C LEU A 553 4.49 34.52 16.38
N LEU A 554 5.32 34.77 17.40
CA LEU A 554 6.67 34.22 17.41
C LEU A 554 6.66 32.70 17.41
N THR A 555 5.87 32.10 18.30
CA THR A 555 5.85 30.63 18.37
C THR A 555 5.18 30.04 17.14
N LEU A 556 4.17 30.74 16.58
CA LEU A 556 3.56 30.26 15.34
C LEU A 556 4.56 30.24 14.21
N SER A 557 5.34 31.31 14.05
CA SER A 557 6.36 31.35 13.01
C SER A 557 7.42 30.29 13.23
N VAL A 558 7.82 30.09 14.49
CA VAL A 558 8.84 29.09 14.80
C VAL A 558 8.33 27.69 14.43
N LEU A 559 7.09 27.39 14.81
CA LEU A 559 6.54 26.07 14.51
C LEU A 559 6.35 25.87 13.00
N LEU A 560 5.93 26.91 12.29
CA LEU A 560 5.77 26.80 10.84
C LEU A 560 7.11 26.57 10.16
N LEU A 561 8.15 27.29 10.58
CA LEU A 561 9.48 27.08 10.01
C LEU A 561 10.00 25.69 10.34
N TYR A 562 9.74 25.20 11.55
CA TYR A 562 10.14 23.86 11.92
C TYR A 562 9.44 22.81 11.07
N VAL A 563 8.14 23.02 10.81
CA VAL A 563 7.40 22.11 9.95
C VAL A 563 7.96 22.13 8.54
N LEU A 564 8.32 23.31 8.04
CA LEU A 564 8.90 23.42 6.71
C LEU A 564 10.25 22.68 6.65
N ALA A 565 11.07 22.82 7.70
CA ALA A 565 12.34 22.12 7.74
C ALA A 565 12.14 20.60 7.75
N SER A 566 11.16 20.13 8.52
CA SER A 566 10.86 18.70 8.54
C SER A 566 10.37 18.23 7.18
N GLN A 567 9.56 19.04 6.51
CA GLN A 567 9.10 18.71 5.16
C GLN A 567 10.28 18.59 4.21
N GLY A 568 11.22 19.54 4.29
CA GLY A 568 12.40 19.47 3.44
C GLY A 568 13.24 18.24 3.71
N LEU A 569 13.41 17.89 4.99
CA LEU A 569 14.15 16.69 5.34
C LEU A 569 13.48 15.45 4.76
N GLY A 570 12.16 15.37 4.90
CA GLY A 570 11.42 14.24 4.34
C GLY A 570 11.54 14.15 2.84
N LEU A 571 11.42 15.29 2.15
CA LEU A 571 11.55 15.30 0.69
C LEU A 571 12.94 14.88 0.26
N ALA A 572 13.97 15.38 0.95
CA ALA A 572 15.34 15.02 0.60
C ALA A 572 15.59 13.53 0.82
N LEU A 573 15.11 12.99 1.94
CA LEU A 573 15.32 11.57 2.20
C LEU A 573 14.53 10.69 1.23
N GLY A 574 13.32 11.13 0.85
CA GLY A 574 12.56 10.39 -0.14
C GLY A 574 13.19 10.43 -1.52
N ALA A 575 13.81 11.55 -1.88
CA ALA A 575 14.49 11.64 -3.16
C ALA A 575 15.78 10.83 -3.17
N ALA A 576 16.47 10.76 -2.02
CA ALA A 576 17.72 10.02 -1.95
C ALA A 576 17.52 8.53 -2.16
N ILE A 577 16.46 7.96 -1.58
CA ILE A 577 16.18 6.53 -1.65
C ILE A 577 15.06 6.29 -2.65
N MET A 578 15.30 5.40 -3.60
CA MET A 578 14.33 5.10 -4.64
C MET A 578 13.17 4.23 -4.17
N ASP A 579 13.23 3.71 -2.94
CA ASP A 579 12.18 2.87 -2.39
C ASP A 579 11.40 3.66 -1.36
N ALA A 580 10.07 3.60 -1.46
CA ALA A 580 9.23 4.37 -0.54
C ALA A 580 9.35 3.86 0.89
N LYS A 581 9.27 2.53 1.07
CA LYS A 581 9.34 1.97 2.42
C LYS A 581 10.71 2.19 3.04
N LYS A 582 11.78 1.99 2.27
CA LYS A 582 13.12 2.22 2.79
C LYS A 582 13.33 3.68 3.16
N ALA A 583 12.84 4.60 2.32
CA ALA A 583 12.95 6.03 2.63
C ALA A 583 12.16 6.38 3.88
N SER A 584 10.97 5.81 4.04
CA SER A 584 10.18 6.07 5.25
C SER A 584 10.88 5.55 6.49
N THR A 585 11.49 4.35 6.40
CA THR A 585 12.20 3.80 7.54
C THR A 585 13.41 4.66 7.89
N ILE A 586 14.14 5.13 6.87
CA ILE A 586 15.29 6.00 7.11
C ILE A 586 14.84 7.32 7.74
N VAL A 587 13.71 7.86 7.28
CA VAL A 587 13.15 9.07 7.87
C VAL A 587 12.82 8.84 9.34
N THR A 588 12.19 7.70 9.65
CA THR A 588 11.84 7.40 11.03
C THR A 588 13.10 7.29 11.90
N VAL A 589 14.13 6.62 11.39
CA VAL A 589 15.36 6.45 12.17
C VAL A 589 16.03 7.79 12.41
N THR A 590 16.13 8.63 11.37
CA THR A 590 16.75 9.93 11.52
C THR A 590 15.96 10.83 12.47
N MET A 591 14.63 10.76 12.39
CA MET A 591 13.80 11.59 13.26
C MET A 591 13.90 11.13 14.70
N LEU A 592 14.01 9.81 14.92
CA LEU A 592 14.26 9.30 16.26
C LEU A 592 15.60 9.78 16.79
N ALA A 593 16.63 9.78 15.92
CA ALA A 593 17.93 10.28 16.33
C ALA A 593 17.87 11.75 16.72
N PHE A 594 17.14 12.55 15.94
CA PHE A 594 16.98 13.97 16.27
C PHE A 594 16.21 14.16 17.56
N VAL A 595 15.17 13.34 17.78
CA VAL A 595 14.34 13.48 18.97
C VAL A 595 15.14 13.14 20.22
N LEU A 596 15.89 12.04 20.17
CA LEU A 596 16.64 11.60 21.35
C LEU A 596 17.68 12.63 21.77
N THR A 597 18.16 13.45 20.83
CA THR A 597 19.15 14.47 21.12
C THR A 597 18.54 15.87 21.19
N GLY A 598 17.28 15.96 21.60
CA GLY A 598 16.61 17.25 21.72
C GLY A 598 16.89 18.01 22.99
N GLY A 599 17.67 17.45 23.91
CA GLY A 599 17.99 18.10 25.16
C GLY A 599 16.99 17.89 26.27
N TYR A 600 15.91 17.15 26.01
CA TYR A 600 14.89 16.89 27.03
C TYR A 600 14.95 15.47 27.60
N TYR A 601 15.34 14.48 26.80
CA TYR A 601 15.41 13.11 27.26
C TYR A 601 16.71 12.83 28.00
N VAL A 602 17.84 13.06 27.35
CA VAL A 602 19.15 12.85 27.96
C VAL A 602 19.77 14.22 28.22
N ASN A 603 19.87 14.58 29.50
CA ASN A 603 20.46 15.87 29.87
C ASN A 603 21.98 15.83 29.80
N LYS A 604 22.59 14.70 30.17
CA LYS A 604 24.04 14.55 30.16
C LYS A 604 24.40 13.81 28.87
N VAL A 605 24.68 14.58 27.83
CA VAL A 605 25.02 14.01 26.53
C VAL A 605 26.53 13.77 26.48
N PRO A 606 26.99 12.56 26.20
CA PRO A 606 28.43 12.31 26.09
C PRO A 606 29.04 13.10 24.95
N SER A 607 30.30 13.49 25.13
CA SER A 607 30.99 14.33 24.15
C SER A 607 31.29 13.58 22.86
N GLY A 608 31.18 12.24 22.85
CA GLY A 608 31.50 11.49 21.66
C GLY A 608 30.56 11.75 20.50
N MET A 609 29.25 11.84 20.79
CA MET A 609 28.23 12.00 19.78
C MET A 609 27.38 13.26 20.01
N VAL A 610 27.90 14.19 20.81
CA VAL A 610 27.16 15.42 21.12
C VAL A 610 26.86 16.21 19.86
N TRP A 611 27.63 15.99 18.78
CA TRP A 611 27.38 16.71 17.54
C TRP A 611 26.03 16.35 16.92
N MET A 612 25.39 15.26 17.38
CA MET A 612 24.00 15.02 17.01
C MET A 612 23.13 16.22 17.36
N LYS A 613 23.27 16.74 18.57
CA LYS A 613 22.48 17.90 18.98
C LYS A 613 22.84 19.14 18.15
N TYR A 614 23.97 19.12 17.44
CA TYR A 614 24.33 20.23 16.58
C TYR A 614 23.84 20.06 15.15
N VAL A 615 23.24 18.91 14.82
CA VAL A 615 22.70 18.68 13.48
C VAL A 615 21.22 18.32 13.50
N SER A 616 20.60 18.24 14.68
CA SER A 616 19.21 17.83 14.77
C SER A 616 18.29 19.01 14.43
N THR A 617 16.98 18.75 14.47
CA THR A 617 15.95 19.75 14.24
C THR A 617 14.99 19.89 15.41
N THR A 618 14.64 18.77 16.05
CA THR A 618 13.79 18.81 17.23
C THR A 618 14.47 19.59 18.35
N PHE A 619 15.79 19.46 18.47
CA PHE A 619 16.52 20.21 19.49
C PHE A 619 16.39 21.71 19.27
N TYR A 620 16.57 22.16 18.02
CA TYR A 620 16.44 23.58 17.73
C TYR A 620 15.02 24.08 17.95
N CYS A 621 14.02 23.29 17.53
CA CYS A 621 12.63 23.70 17.77
C CYS A 621 12.33 23.78 19.27
N TYR A 622 12.82 22.82 20.04
CA TYR A 622 12.61 22.81 21.48
C TYR A 622 13.27 24.01 22.14
N ARG A 623 14.50 24.34 21.72
CA ARG A 623 15.17 25.51 22.27
C ARG A 623 14.43 26.80 21.91
N LEU A 624 13.94 26.90 20.67
CA LEU A 624 13.16 28.07 20.29
C LEU A 624 11.89 28.19 21.12
N LEU A 625 11.20 27.07 21.33
CA LEU A 625 9.96 27.10 22.10
C LEU A 625 10.21 27.50 23.55
N VAL A 626 11.26 26.96 24.16
CA VAL A 626 11.54 27.31 25.55
C VAL A 626 12.01 28.76 25.67
N ALA A 627 12.80 29.23 24.70
CA ALA A 627 13.24 30.62 24.71
C ALA A 627 12.10 31.58 24.42
N ILE A 628 11.03 31.12 23.78
CA ILE A 628 9.86 31.97 23.59
C ILE A 628 8.99 31.97 24.84
N GLN A 629 8.76 30.80 25.43
CA GLN A 629 7.85 30.69 26.56
C GLN A 629 8.45 31.30 27.83
N TYR A 630 9.72 31.01 28.12
CA TYR A 630 10.35 31.47 29.34
C TYR A 630 11.52 32.42 29.12
N GLY A 631 11.93 32.64 27.88
CA GLY A 631 13.06 33.52 27.65
C GLY A 631 14.36 32.89 28.15
N SER A 632 15.24 33.74 28.67
CA SER A 632 16.51 33.29 29.24
C SER A 632 16.36 32.71 30.64
N GLY A 633 15.18 32.78 31.23
CA GLY A 633 14.95 32.20 32.54
C GLY A 633 15.12 33.13 33.71
N GLU A 634 15.16 34.45 33.48
CA GLU A 634 15.28 35.40 34.60
C GLU A 634 14.09 35.30 35.53
N GLU A 635 12.88 35.19 34.98
CA GLU A 635 11.69 35.02 35.82
C GLU A 635 11.74 33.71 36.58
N ILE A 636 12.17 32.63 35.93
CA ILE A 636 12.27 31.34 36.59
C ILE A 636 13.35 31.37 37.66
N LEU A 637 14.51 31.95 37.35
CA LEU A 637 15.61 32.02 38.29
C LEU A 637 15.29 32.97 39.45
N PHE A 660 19.47 22.74 37.35
CA PHE A 660 18.73 22.14 36.24
C PHE A 660 18.13 23.21 35.35
N VAL A 661 17.83 24.38 35.93
CA VAL A 661 17.24 25.47 35.17
C VAL A 661 18.21 25.98 34.12
N GLU A 662 19.49 26.10 34.48
CA GLU A 662 20.48 26.66 33.56
C GLU A 662 20.64 25.80 32.32
N GLU A 663 20.69 24.48 32.48
CA GLU A 663 20.91 23.61 31.33
C GLU A 663 19.66 23.44 30.49
N GLU A 664 18.47 23.47 31.12
CA GLU A 664 17.24 23.18 30.41
C GLU A 664 16.54 24.40 29.84
N VAL A 665 16.92 25.61 30.27
CA VAL A 665 16.29 26.85 29.84
C VAL A 665 17.26 27.75 29.08
N ILE A 666 18.43 28.01 29.66
CA ILE A 666 19.39 28.90 29.02
C ILE A 666 20.02 28.22 27.81
N GLY A 667 20.68 27.09 28.03
CA GLY A 667 21.31 26.36 26.96
C GLY A 667 22.58 27.03 26.47
N ASP A 668 23.05 26.57 25.30
CA ASP A 668 24.26 27.10 24.69
C ASP A 668 24.04 27.62 23.27
N VAL A 669 22.81 27.59 22.76
CA VAL A 669 22.50 28.06 21.43
C VAL A 669 21.52 29.21 21.53
N GLY A 670 21.84 30.33 20.87
CA GLY A 670 21.00 31.51 20.96
C GLY A 670 19.72 31.39 20.15
N MET A 671 18.80 32.31 20.43
CA MET A 671 17.53 32.35 19.71
C MET A 671 17.75 32.65 18.23
N TRP A 672 18.49 33.73 17.94
CA TRP A 672 18.74 34.11 16.55
C TRP A 672 19.60 33.06 15.86
N THR A 673 20.58 32.50 16.56
CA THR A 673 21.40 31.44 15.98
C THR A 673 20.55 30.22 15.65
N SER A 674 19.64 29.83 16.55
CA SER A 674 18.77 28.70 16.28
C SER A 674 17.86 28.97 15.08
N VAL A 675 17.32 30.19 14.98
CA VAL A 675 16.46 30.53 13.86
C VAL A 675 17.25 30.47 12.55
N GLY A 676 18.47 31.01 12.56
CA GLY A 676 19.29 30.97 11.36
C GLY A 676 19.65 29.55 10.94
N VAL A 677 19.99 28.70 11.91
CA VAL A 677 20.29 27.31 11.60
C VAL A 677 19.07 26.60 11.05
N LEU A 678 17.90 26.90 11.62
CA LEU A 678 16.64 26.27 11.16
C LEU A 678 16.39 26.66 9.70
N PHE A 679 16.54 27.95 9.37
CA PHE A 679 16.31 28.41 8.00
C PHE A 679 17.35 27.82 7.05
N LEU A 680 18.62 27.76 7.48
CA LEU A 680 19.67 27.21 6.65
C LEU A 680 19.41 25.75 6.33
N MET A 681 19.00 24.97 7.33
CA MET A 681 18.70 23.56 7.09
C MET A 681 17.44 23.39 6.26
N PHE A 682 16.46 24.29 6.43
CA PHE A 682 15.26 24.25 5.60
C PHE A 682 15.59 24.46 4.13
N PHE A 683 16.51 25.37 3.83
CA PHE A 683 16.94 25.55 2.44
C PHE A 683 17.82 24.38 1.97
N GLY A 684 18.74 23.93 2.82
CA GLY A 684 19.66 22.88 2.43
C GLY A 684 19.01 21.53 2.19
N TYR A 685 17.90 21.27 2.88
CA TYR A 685 17.18 20.02 2.64
C TYR A 685 16.60 19.97 1.23
N ARG A 686 15.95 21.06 0.79
CA ARG A 686 15.48 21.11 -0.58
C ARG A 686 16.63 21.15 -1.57
N VAL A 687 17.77 21.74 -1.19
CA VAL A 687 18.94 21.71 -2.06
C VAL A 687 19.43 20.27 -2.27
N LEU A 688 19.47 19.51 -1.16
CA LEU A 688 19.90 18.09 -1.23
C LEU A 688 18.91 17.32 -2.11
N ALA A 689 17.62 17.56 -1.90
CA ALA A 689 16.61 16.88 -2.71
C ALA A 689 16.76 17.22 -4.19
N TYR A 690 17.05 18.48 -4.49
CA TYR A 690 17.24 18.89 -5.89
C TYR A 690 18.46 18.19 -6.50
N LEU A 691 19.55 18.11 -5.74
CA LEU A 691 20.74 17.44 -6.27
C LEU A 691 20.48 15.95 -6.46
N ALA A 692 19.73 15.34 -5.53
CA ALA A 692 19.36 13.93 -5.70
C ALA A 692 18.52 13.73 -6.95
N LEU A 693 17.56 14.63 -7.20
CA LEU A 693 16.75 14.54 -8.41
C LEU A 693 17.60 14.71 -9.66
N ARG A 694 18.55 15.64 -9.63
CA ARG A 694 19.43 15.83 -10.77
C ARG A 694 20.34 14.63 -10.99
N ARG A 695 20.64 13.88 -9.94
CA ARG A 695 21.47 12.69 -10.08
C ARG A 695 20.78 11.63 -10.93
N ILE A 696 19.47 11.47 -10.72
CA ILE A 696 18.69 10.46 -11.49
C ILE A 696 17.85 11.18 -12.54
N MET B 126 -28.95 -28.13 -16.65
CA MET B 126 -28.61 -29.50 -16.32
C MET B 126 -27.20 -29.83 -16.80
N ILE B 127 -26.41 -30.46 -15.94
CA ILE B 127 -25.05 -30.87 -16.28
C ILE B 127 -24.88 -32.34 -15.91
N SER B 128 -24.29 -33.10 -16.85
CA SER B 128 -24.00 -34.51 -16.59
C SER B 128 -22.59 -34.65 -16.01
N PRO B 129 -22.36 -35.69 -15.20
CA PRO B 129 -21.01 -35.91 -14.66
C PRO B 129 -20.00 -36.15 -15.78
N GLY B 130 -18.80 -35.62 -15.58
CA GLY B 130 -17.74 -35.74 -16.57
C GLY B 130 -17.83 -34.77 -17.73
N GLU B 131 -18.71 -33.79 -17.67
CA GLU B 131 -18.90 -32.82 -18.74
C GLU B 131 -18.36 -31.47 -18.32
N PHE B 132 -17.74 -30.76 -19.25
CA PHE B 132 -17.12 -29.47 -18.98
C PHE B 132 -18.04 -28.37 -19.51
N MET B 133 -18.53 -27.52 -18.60
CA MET B 133 -19.42 -26.42 -18.96
C MET B 133 -18.70 -25.10 -18.76
N ALA B 134 -18.83 -24.21 -19.76
CA ALA B 134 -18.33 -22.85 -19.69
C ALA B 134 -19.50 -21.88 -19.60
N VAL B 135 -19.48 -21.01 -18.61
CA VAL B 135 -20.52 -20.00 -18.41
C VAL B 135 -20.05 -18.74 -19.13
N LEU B 136 -20.58 -18.51 -20.32
CA LEU B 136 -20.20 -17.37 -21.14
C LEU B 136 -21.16 -16.21 -20.93
N GLY B 137 -20.63 -15.00 -21.08
CA GLY B 137 -21.39 -13.78 -20.91
C GLY B 137 -20.50 -12.59 -20.63
N PRO B 138 -20.97 -11.40 -20.95
CA PRO B 138 -20.18 -10.19 -20.70
C PRO B 138 -20.11 -9.88 -19.22
N SER B 139 -19.26 -8.90 -18.88
CA SER B 139 -19.12 -8.46 -17.50
C SER B 139 -20.43 -7.87 -17.00
N GLY B 140 -20.84 -8.28 -15.81
CA GLY B 140 -22.08 -7.82 -15.23
C GLY B 140 -23.32 -8.57 -15.68
N SER B 141 -23.17 -9.59 -16.53
CA SER B 141 -24.32 -10.34 -17.01
C SER B 141 -24.88 -11.30 -15.96
N GLY B 142 -24.18 -11.49 -14.85
CA GLY B 142 -24.63 -12.37 -13.79
C GLY B 142 -23.95 -13.71 -13.71
N LYS B 143 -22.71 -13.84 -14.20
CA LYS B 143 -22.02 -15.12 -14.14
C LYS B 143 -21.57 -15.45 -12.72
N SER B 144 -21.07 -14.45 -11.98
CA SER B 144 -20.60 -14.70 -10.62
C SER B 144 -21.73 -15.11 -9.70
N THR B 145 -22.88 -14.43 -9.80
CA THR B 145 -23.99 -14.71 -8.89
C THR B 145 -24.66 -16.04 -9.21
N LEU B 146 -24.69 -16.42 -10.50
CA LEU B 146 -25.31 -17.69 -10.87
C LEU B 146 -24.55 -18.87 -10.30
N LEU B 147 -23.22 -18.80 -10.30
CA LEU B 147 -22.38 -19.89 -9.81
C LEU B 147 -22.46 -19.98 -8.28
N LYS B 172 -25.77 -30.59 3.17
CA LYS B 172 -24.40 -30.48 3.66
C LYS B 172 -23.49 -31.49 2.98
N GLN B 173 -24.03 -32.68 2.71
CA GLN B 173 -23.26 -33.70 2.01
C GLN B 173 -22.90 -33.26 0.60
N THR B 174 -23.84 -32.60 -0.09
CA THR B 174 -23.54 -32.07 -1.41
C THR B 174 -22.47 -30.99 -1.36
N LEU B 175 -22.53 -30.13 -0.35
CA LEU B 175 -21.50 -29.10 -0.18
C LEU B 175 -20.14 -29.71 0.15
N LYS B 176 -20.13 -30.85 0.85
CA LYS B 176 -18.87 -31.49 1.18
C LYS B 176 -18.12 -31.92 -0.08
N ARG B 177 -18.85 -32.46 -1.07
CA ARG B 177 -18.26 -32.89 -2.32
C ARG B 177 -18.24 -31.78 -3.37
N THR B 178 -18.64 -30.57 -3.02
CA THR B 178 -18.65 -29.44 -3.93
C THR B 178 -17.46 -28.54 -3.63
N GLY B 179 -16.64 -28.27 -4.65
CA GLY B 179 -15.50 -27.39 -4.49
C GLY B 179 -15.64 -26.11 -5.29
N PHE B 180 -15.69 -24.98 -4.60
CA PHE B 180 -15.87 -23.68 -5.24
C PHE B 180 -14.58 -22.89 -5.20
N VAL B 181 -14.19 -22.36 -6.36
CA VAL B 181 -13.00 -21.53 -6.51
C VAL B 181 -13.42 -20.17 -7.04
N ALA B 182 -12.96 -19.11 -6.38
CA ALA B 182 -13.30 -17.75 -6.77
C ALA B 182 -12.19 -17.17 -7.65
N GLN B 183 -12.42 -15.95 -8.14
CA GLN B 183 -11.46 -15.30 -9.02
C GLN B 183 -10.17 -14.96 -8.28
N ASP B 184 -10.28 -14.47 -7.05
CA ASP B 184 -9.10 -14.04 -6.29
C ASP B 184 -8.37 -15.23 -5.71
N ASP B 185 -7.03 -15.18 -5.79
CA ASP B 185 -6.18 -16.24 -5.21
C ASP B 185 -5.71 -15.81 -3.83
N LEU B 186 -6.64 -15.90 -2.87
CA LEU B 186 -6.37 -15.51 -1.49
C LEU B 186 -5.55 -16.62 -0.83
N LEU B 187 -4.24 -16.56 -1.03
CA LEU B 187 -3.31 -17.54 -0.46
C LEU B 187 -2.17 -16.81 0.23
N TYR B 188 -1.60 -17.45 1.23
CA TYR B 188 -0.46 -16.89 1.94
C TYR B 188 0.75 -16.86 1.00
N PRO B 189 1.44 -15.72 0.88
CA PRO B 189 2.52 -15.62 -0.10
C PRO B 189 3.86 -16.18 0.36
N HIS B 190 3.98 -16.58 1.63
CA HIS B 190 5.26 -17.06 2.15
C HIS B 190 5.37 -18.58 2.17
N LEU B 191 4.25 -19.30 2.22
CA LEU B 191 4.30 -20.74 2.10
C LEU B 191 4.61 -21.17 0.67
N THR B 192 5.44 -22.20 0.54
CA THR B 192 5.72 -22.74 -0.77
C THR B 192 4.54 -23.60 -1.25
N VAL B 193 4.67 -24.13 -2.46
CA VAL B 193 3.57 -24.89 -3.07
C VAL B 193 3.24 -26.12 -2.22
N ARG B 194 4.21 -27.04 -2.10
CA ARG B 194 3.97 -28.27 -1.37
C ARG B 194 3.51 -27.98 0.05
N GLU B 195 4.15 -27.01 0.69
CA GLU B 195 3.85 -26.68 2.08
C GLU B 195 2.37 -26.28 2.21
N THR B 196 1.90 -25.45 1.28
CA THR B 196 0.53 -24.95 1.32
C THR B 196 -0.48 -26.06 1.03
N LEU B 197 -0.26 -26.85 -0.02
CA LEU B 197 -1.23 -27.89 -0.33
C LEU B 197 -1.28 -28.97 0.74
N VAL B 198 -0.13 -29.38 1.29
CA VAL B 198 -0.21 -30.36 2.38
C VAL B 198 -0.88 -29.75 3.60
N PHE B 199 -0.68 -28.45 3.86
CA PHE B 199 -1.36 -27.85 5.00
C PHE B 199 -2.87 -27.85 4.80
N VAL B 200 -3.32 -27.51 3.59
CA VAL B 200 -4.76 -27.54 3.31
C VAL B 200 -5.28 -28.96 3.41
N ALA B 201 -4.47 -29.94 3.00
CA ALA B 201 -4.88 -31.33 3.12
C ALA B 201 -5.10 -31.73 4.57
N LEU B 202 -4.18 -31.38 5.45
CA LEU B 202 -4.37 -31.71 6.87
C LEU B 202 -5.53 -30.92 7.48
N LEU B 203 -5.76 -29.68 7.01
CA LEU B 203 -6.82 -28.86 7.57
C LEU B 203 -8.21 -29.21 7.03
N ARG B 204 -8.30 -29.95 5.94
CA ARG B 204 -9.59 -30.25 5.33
C ARG B 204 -9.96 -31.72 5.37
N LEU B 205 -9.00 -32.62 5.17
CA LEU B 205 -9.31 -34.04 5.14
C LEU B 205 -9.70 -34.52 6.54
N PRO B 206 -10.54 -35.55 6.64
CA PRO B 206 -10.97 -36.02 7.96
C PRO B 206 -9.84 -36.62 8.77
N ARG B 207 -10.02 -36.61 10.09
CA ARG B 207 -9.00 -37.10 11.00
C ARG B 207 -8.76 -38.60 10.92
N SER B 208 -9.66 -39.34 10.26
CA SER B 208 -9.45 -40.77 10.08
C SER B 208 -8.27 -41.08 9.17
N LEU B 209 -7.75 -40.08 8.47
CA LEU B 209 -6.63 -40.24 7.55
C LEU B 209 -5.38 -39.67 8.20
N THR B 210 -4.30 -40.45 8.24
CA THR B 210 -3.11 -40.05 8.96
C THR B 210 -2.32 -39.00 8.17
N ARG B 211 -1.31 -38.44 8.83
CA ARG B 211 -0.55 -37.34 8.23
C ARG B 211 0.28 -37.79 7.04
N ASP B 212 0.89 -38.97 7.11
CA ASP B 212 1.75 -39.44 6.02
C ASP B 212 0.97 -39.65 4.74
N VAL B 213 -0.19 -40.31 4.85
CA VAL B 213 -1.02 -40.54 3.66
C VAL B 213 -1.63 -39.24 3.17
N LYS B 214 -1.92 -38.30 4.08
CA LYS B 214 -2.35 -36.96 3.65
C LYS B 214 -1.27 -36.28 2.83
N LEU B 215 -0.01 -36.37 3.27
CA LEU B 215 1.10 -35.80 2.52
C LEU B 215 1.24 -36.48 1.16
N ARG B 216 1.09 -37.80 1.12
CA ARG B 216 1.16 -38.52 -0.14
C ARG B 216 0.06 -38.08 -1.10
N ALA B 217 -1.17 -37.92 -0.59
CA ALA B 217 -2.27 -37.47 -1.42
C ALA B 217 -2.05 -36.06 -1.92
N ALA B 218 -1.52 -35.17 -1.07
CA ALA B 218 -1.23 -33.81 -1.50
C ALA B 218 -0.16 -33.80 -2.57
N GLU B 219 0.87 -34.63 -2.42
CA GLU B 219 1.91 -34.72 -3.46
C GLU B 219 1.33 -35.24 -4.77
N SER B 220 0.43 -36.24 -4.69
CA SER B 220 -0.21 -36.76 -5.88
C SER B 220 -1.06 -35.69 -6.58
N VAL B 221 -1.80 -34.90 -5.79
CA VAL B 221 -2.59 -33.82 -6.37
C VAL B 221 -1.68 -32.78 -7.03
N ILE B 222 -0.56 -32.46 -6.38
CA ILE B 222 0.37 -31.47 -6.93
C ILE B 222 0.94 -31.97 -8.25
N SER B 223 1.36 -33.24 -8.30
CA SER B 223 1.89 -33.82 -9.52
C SER B 223 0.83 -33.97 -10.60
N GLU B 224 -0.44 -34.13 -10.24
CA GLU B 224 -1.51 -34.26 -11.21
C GLU B 224 -1.91 -32.92 -11.83
N LEU B 225 -1.62 -31.81 -11.16
CA LEU B 225 -1.92 -30.48 -11.66
C LEU B 225 -0.72 -29.81 -12.32
N GLY B 226 0.37 -30.53 -12.52
CA GLY B 226 1.55 -29.95 -13.15
C GLY B 226 2.22 -28.87 -12.34
N LEU B 227 2.36 -29.08 -11.03
CA LEU B 227 3.04 -28.14 -10.15
C LEU B 227 4.38 -28.69 -9.64
N THR B 228 4.88 -29.75 -10.27
CA THR B 228 6.14 -30.35 -9.83
C THR B 228 7.32 -29.39 -10.02
N LYS B 229 7.34 -28.66 -11.14
CA LYS B 229 8.46 -27.77 -11.40
C LYS B 229 8.52 -26.61 -10.41
N CYS B 230 7.36 -26.06 -10.03
CA CYS B 230 7.30 -24.91 -9.15
C CYS B 230 7.07 -25.30 -7.69
N GLU B 231 7.17 -26.58 -7.37
CA GLU B 231 6.89 -27.02 -6.00
C GLU B 231 7.92 -26.49 -5.02
N ASN B 232 9.12 -26.13 -5.48
CA ASN B 232 10.19 -25.62 -4.64
C ASN B 232 10.24 -24.10 -4.61
N THR B 233 9.14 -23.42 -4.92
CA THR B 233 9.08 -21.97 -4.93
C THR B 233 7.86 -21.49 -4.14
N VAL B 234 8.00 -20.33 -3.52
CA VAL B 234 6.91 -19.78 -2.72
C VAL B 234 5.79 -19.31 -3.64
N VAL B 235 4.57 -19.25 -3.09
CA VAL B 235 3.42 -18.81 -3.86
C VAL B 235 3.58 -17.35 -4.26
N GLY B 236 3.89 -16.49 -3.29
CA GLY B 236 4.13 -15.09 -3.57
C GLY B 236 2.87 -14.30 -3.88
N ASN B 237 3.03 -12.99 -4.07
CA ASN B 237 1.91 -12.12 -4.43
C ASN B 237 2.48 -10.97 -5.27
N THR B 238 1.72 -9.88 -5.37
CA THR B 238 2.20 -8.71 -6.11
C THR B 238 3.40 -8.08 -5.41
N PHE B 239 3.53 -8.25 -4.09
CA PHE B 239 4.63 -7.64 -3.36
C PHE B 239 5.91 -8.48 -3.47
N ILE B 240 5.85 -9.72 -3.01
CA ILE B 240 7.01 -10.61 -3.04
C ILE B 240 6.86 -11.57 -4.21
N ARG B 241 7.90 -11.68 -5.03
CA ARG B 241 7.85 -12.53 -6.20
C ARG B 241 7.75 -14.00 -5.81
N GLY B 242 6.89 -14.73 -6.51
CA GLY B 242 6.70 -16.14 -6.27
C GLY B 242 6.46 -16.92 -7.55
N ILE B 243 5.45 -17.78 -7.53
CA ILE B 243 5.11 -18.54 -8.73
C ILE B 243 4.34 -17.65 -9.71
N SER B 244 4.26 -18.09 -10.96
CA SER B 244 3.56 -17.34 -11.97
C SER B 244 2.06 -17.37 -11.74
N GLY B 245 1.33 -16.62 -12.56
CA GLY B 245 -0.12 -16.57 -12.43
C GLY B 245 -0.77 -17.91 -12.68
N GLY B 246 -0.31 -18.63 -13.71
CA GLY B 246 -0.85 -19.96 -13.97
C GLY B 246 -0.61 -20.93 -12.85
N GLU B 247 0.63 -20.93 -12.31
CA GLU B 247 0.94 -21.80 -11.18
C GLU B 247 0.13 -21.42 -9.95
N ARG B 248 -0.04 -20.12 -9.70
CA ARG B 248 -0.85 -19.69 -8.57
C ARG B 248 -2.30 -20.13 -8.71
N LYS B 249 -2.86 -20.01 -9.93
CA LYS B 249 -4.23 -20.44 -10.14
C LYS B 249 -4.36 -21.96 -10.00
N ARG B 250 -3.36 -22.70 -10.47
CA ARG B 250 -3.38 -24.15 -10.29
C ARG B 250 -3.28 -24.55 -8.83
N VAL B 251 -2.48 -23.81 -8.04
CA VAL B 251 -2.43 -24.06 -6.61
C VAL B 251 -3.78 -23.75 -5.96
N SER B 252 -4.44 -22.68 -6.41
CA SER B 252 -5.77 -22.37 -5.90
C SER B 252 -6.76 -23.48 -6.23
N ILE B 253 -6.66 -24.05 -7.43
CA ILE B 253 -7.52 -25.18 -7.80
C ILE B 253 -7.23 -26.38 -6.91
N ALA B 254 -5.94 -26.68 -6.70
CA ALA B 254 -5.57 -27.81 -5.85
C ALA B 254 -6.00 -27.59 -4.41
N HIS B 255 -6.18 -26.33 -4.00
CA HIS B 255 -6.68 -26.05 -2.66
C HIS B 255 -8.05 -26.69 -2.44
N GLU B 256 -8.94 -26.60 -3.42
CA GLU B 256 -10.23 -27.25 -3.35
C GLU B 256 -10.21 -28.68 -3.89
N LEU B 257 -9.16 -29.06 -4.59
CA LEU B 257 -9.07 -30.41 -5.16
C LEU B 257 -8.60 -31.46 -4.15
N LEU B 258 -8.07 -31.04 -3.00
CA LEU B 258 -7.62 -32.02 -2.01
C LEU B 258 -8.78 -32.76 -1.38
N ILE B 259 -9.95 -32.12 -1.26
CA ILE B 259 -11.13 -32.80 -0.73
C ILE B 259 -11.71 -33.80 -1.71
N ASN B 260 -11.15 -33.88 -2.93
CA ASN B 260 -11.63 -34.75 -4.00
C ASN B 260 -13.08 -34.44 -4.32
N PRO B 261 -13.38 -33.27 -4.87
CA PRO B 261 -14.78 -32.91 -5.16
C PRO B 261 -15.23 -33.38 -6.53
N SER B 262 -16.50 -33.81 -6.59
CA SER B 262 -17.10 -34.21 -7.85
C SER B 262 -17.70 -33.04 -8.61
N LEU B 263 -18.23 -32.04 -7.90
CA LEU B 263 -18.81 -30.85 -8.52
C LEU B 263 -17.86 -29.68 -8.26
N LEU B 264 -17.13 -29.29 -9.29
CA LEU B 264 -16.13 -28.22 -9.21
C LEU B 264 -16.68 -26.98 -9.90
N VAL B 265 -16.96 -25.94 -9.12
CA VAL B 265 -17.44 -24.66 -9.63
C VAL B 265 -16.27 -23.69 -9.62
N LEU B 266 -16.06 -23.02 -10.75
CA LEU B 266 -14.92 -22.13 -10.92
C LEU B 266 -15.37 -20.79 -11.47
N ASP B 267 -14.98 -19.71 -10.80
CA ASP B 267 -15.33 -18.35 -11.21
C ASP B 267 -14.08 -17.67 -11.75
N GLU B 268 -14.02 -17.52 -13.07
CA GLU B 268 -12.94 -16.82 -13.75
C GLU B 268 -11.56 -17.40 -13.44
N PRO B 269 -11.29 -18.64 -13.84
CA PRO B 269 -9.93 -19.17 -13.65
C PRO B 269 -8.93 -18.71 -14.69
N THR B 270 -9.34 -18.57 -15.95
CA THR B 270 -8.45 -18.18 -17.03
C THR B 270 -8.44 -16.68 -17.28
N SER B 271 -9.02 -15.90 -16.38
CA SER B 271 -9.06 -14.45 -16.51
C SER B 271 -7.83 -13.81 -15.87
N GLY B 272 -7.17 -12.94 -16.63
CA GLY B 272 -6.02 -12.23 -16.12
C GLY B 272 -4.69 -12.91 -16.32
N LEU B 273 -4.60 -13.89 -17.21
CA LEU B 273 -3.36 -14.61 -17.47
C LEU B 273 -3.08 -14.64 -18.97
N ASP B 274 -1.89 -15.11 -19.32
CA ASP B 274 -1.45 -15.14 -20.70
C ASP B 274 -2.23 -16.21 -21.48
N ALA B 275 -2.14 -16.11 -22.81
CA ALA B 275 -2.84 -17.07 -23.67
C ALA B 275 -2.35 -18.49 -23.44
N THR B 276 -1.04 -18.69 -23.32
CA THR B 276 -0.51 -20.03 -23.12
C THR B 276 -0.84 -20.56 -21.73
N ALA B 277 -0.78 -19.70 -20.71
CA ALA B 277 -1.14 -20.12 -19.35
C ALA B 277 -2.61 -20.51 -19.28
N ALA B 278 -3.48 -19.70 -19.86
CA ALA B 278 -4.91 -20.05 -19.90
C ALA B 278 -5.14 -21.31 -20.71
N LEU B 279 -4.43 -21.49 -21.82
CA LEU B 279 -4.57 -22.70 -22.62
C LEU B 279 -4.21 -23.93 -21.81
N ARG B 280 -3.10 -23.87 -21.08
CA ARG B 280 -2.71 -25.00 -20.23
C ARG B 280 -3.73 -25.22 -19.11
N LEU B 281 -4.26 -24.14 -18.54
CA LEU B 281 -5.24 -24.29 -17.46
C LEU B 281 -6.50 -24.99 -17.95
N VAL B 282 -7.00 -24.60 -19.13
CA VAL B 282 -8.18 -25.27 -19.67
C VAL B 282 -7.87 -26.69 -20.09
N GLN B 283 -6.65 -26.96 -20.58
CA GLN B 283 -6.27 -28.34 -20.88
C GLN B 283 -6.33 -29.19 -19.61
N THR B 284 -5.78 -28.68 -18.51
CA THR B 284 -5.81 -29.41 -17.25
C THR B 284 -7.24 -29.60 -16.75
N LEU B 285 -8.07 -28.56 -16.85
CA LEU B 285 -9.45 -28.66 -16.39
C LEU B 285 -10.23 -29.67 -17.21
N ALA B 286 -10.03 -29.68 -18.53
CA ALA B 286 -10.68 -30.67 -19.38
C ALA B 286 -10.20 -32.08 -19.06
N GLY B 287 -8.89 -32.24 -18.79
CA GLY B 287 -8.39 -33.54 -18.42
C GLY B 287 -9.00 -34.07 -17.13
N LEU B 288 -9.11 -33.20 -16.11
CA LEU B 288 -9.78 -33.61 -14.88
C LEU B 288 -11.25 -33.92 -15.11
N ALA B 289 -11.93 -33.11 -15.94
CA ALA B 289 -13.35 -33.34 -16.18
C ALA B 289 -13.59 -34.66 -16.91
N HIS B 290 -12.78 -34.98 -17.90
CA HIS B 290 -13.01 -36.17 -18.71
C HIS B 290 -12.43 -37.42 -18.05
N GLY B 291 -11.12 -37.44 -17.81
CA GLY B 291 -10.48 -38.65 -17.30
C GLY B 291 -10.95 -39.03 -15.92
N LYS B 292 -11.09 -38.06 -15.03
CA LYS B 292 -11.49 -38.31 -13.66
C LYS B 292 -13.00 -38.23 -13.45
N GLY B 293 -13.77 -37.87 -14.49
CA GLY B 293 -15.21 -37.82 -14.38
C GLY B 293 -15.72 -36.81 -13.39
N LYS B 294 -15.18 -35.59 -13.43
CA LYS B 294 -15.56 -34.53 -12.51
C LYS B 294 -16.56 -33.60 -13.17
N THR B 295 -17.66 -33.33 -12.48
CA THR B 295 -18.69 -32.40 -12.96
C THR B 295 -18.17 -30.98 -12.79
N VAL B 296 -17.64 -30.41 -13.87
CA VAL B 296 -16.96 -29.11 -13.83
C VAL B 296 -17.84 -28.06 -14.47
N VAL B 297 -18.12 -26.99 -13.74
CA VAL B 297 -18.82 -25.82 -14.24
C VAL B 297 -17.92 -24.62 -14.00
N THR B 298 -17.53 -23.94 -15.09
CA THR B 298 -16.61 -22.82 -15.00
C THR B 298 -17.19 -21.61 -15.73
N SER B 299 -16.71 -20.43 -15.33
CA SER B 299 -17.09 -19.18 -15.98
C SER B 299 -15.84 -18.46 -16.45
N ILE B 300 -15.90 -17.92 -17.67
CA ILE B 300 -14.77 -17.21 -18.27
C ILE B 300 -15.30 -15.91 -18.87
N HIS B 301 -14.62 -14.80 -18.58
CA HIS B 301 -15.02 -13.52 -19.14
C HIS B 301 -14.88 -13.50 -20.66
N GLN B 302 -13.77 -14.05 -21.17
CA GLN B 302 -13.57 -14.21 -22.61
C GLN B 302 -12.56 -15.32 -22.86
N PRO B 303 -12.94 -16.36 -23.59
CA PRO B 303 -12.01 -17.45 -23.89
C PRO B 303 -11.33 -17.29 -25.25
N SER B 304 -10.14 -17.88 -25.35
CA SER B 304 -9.46 -17.95 -26.64
C SER B 304 -10.07 -19.08 -27.48
N SER B 305 -9.69 -19.09 -28.76
CA SER B 305 -10.28 -20.05 -29.69
C SER B 305 -9.98 -21.49 -29.27
N ARG B 306 -8.70 -21.80 -29.04
CA ARG B 306 -8.34 -23.12 -28.56
C ARG B 306 -8.95 -23.39 -27.19
N VAL B 307 -9.02 -22.38 -26.34
CA VAL B 307 -9.72 -22.52 -25.06
C VAL B 307 -11.20 -22.76 -25.29
N PHE B 308 -11.80 -22.01 -26.23
CA PHE B 308 -13.24 -22.12 -26.45
C PHE B 308 -13.64 -23.50 -26.96
N GLN B 309 -12.83 -24.09 -27.83
CA GLN B 309 -13.20 -25.36 -28.46
C GLN B 309 -13.06 -26.56 -27.53
N MET B 310 -12.81 -26.35 -26.23
CA MET B 310 -12.56 -27.45 -25.31
C MET B 310 -13.71 -27.73 -24.35
N PHE B 311 -14.69 -26.84 -24.24
CA PHE B 311 -15.84 -27.09 -23.37
C PHE B 311 -16.90 -27.89 -24.13
N ASP B 312 -17.39 -28.96 -23.49
CA ASP B 312 -18.45 -29.76 -24.09
C ASP B 312 -19.81 -29.09 -23.97
N THR B 313 -19.94 -28.11 -23.09
CA THR B 313 -21.21 -27.40 -22.90
C THR B 313 -20.93 -25.92 -22.71
N VAL B 314 -21.79 -25.08 -23.28
CA VAL B 314 -21.69 -23.63 -23.12
C VAL B 314 -23.05 -23.10 -22.69
N LEU B 315 -23.08 -22.34 -21.60
CA LEU B 315 -24.30 -21.75 -21.08
C LEU B 315 -24.15 -20.24 -21.14
N LEU B 316 -25.08 -19.58 -21.82
CA LEU B 316 -24.96 -18.17 -22.16
C LEU B 316 -25.86 -17.31 -21.28
N LEU B 317 -25.27 -16.29 -20.65
CA LEU B 317 -26.02 -15.32 -19.87
C LEU B 317 -25.86 -13.92 -20.46
N SER B 318 -26.89 -13.10 -20.27
CA SER B 318 -26.88 -11.72 -20.74
C SER B 318 -27.83 -10.92 -19.84
N GLU B 319 -27.28 -9.94 -19.12
CA GLU B 319 -28.05 -9.03 -18.29
C GLU B 319 -28.95 -9.79 -17.31
N GLY B 320 -28.43 -10.89 -16.77
CA GLY B 320 -29.15 -11.68 -15.79
C GLY B 320 -30.08 -12.73 -16.36
N LYS B 321 -30.25 -12.79 -17.67
CA LYS B 321 -31.11 -13.78 -18.30
C LYS B 321 -30.28 -14.82 -19.03
N CYS B 322 -30.93 -15.92 -19.41
CA CYS B 322 -30.29 -17.02 -20.09
C CYS B 322 -30.66 -17.00 -21.57
N LEU B 323 -29.66 -17.11 -22.44
CA LEU B 323 -29.88 -17.07 -23.87
C LEU B 323 -29.72 -18.43 -24.55
N PHE B 324 -28.70 -19.20 -24.20
CA PHE B 324 -28.47 -20.49 -24.83
C PHE B 324 -27.78 -21.41 -23.85
N VAL B 325 -28.19 -22.70 -23.88
CA VAL B 325 -27.57 -23.74 -23.08
C VAL B 325 -27.40 -24.97 -23.95
N GLY B 326 -26.20 -25.55 -23.93
CA GLY B 326 -25.94 -26.74 -24.71
C GLY B 326 -24.49 -26.77 -25.18
N LYS B 327 -24.24 -27.65 -26.15
CA LYS B 327 -22.90 -27.83 -26.68
C LYS B 327 -22.41 -26.58 -27.40
N GLY B 328 -21.11 -26.35 -27.36
CA GLY B 328 -20.53 -25.20 -28.03
C GLY B 328 -20.49 -25.33 -29.54
N ARG B 329 -20.43 -26.57 -30.05
CA ARG B 329 -20.28 -26.77 -31.49
C ARG B 329 -21.52 -26.33 -32.25
N ASP B 330 -22.71 -26.76 -31.79
CA ASP B 330 -23.93 -26.44 -32.51
C ASP B 330 -24.45 -25.05 -32.19
N ALA B 331 -23.81 -24.34 -31.25
CA ALA B 331 -24.32 -23.04 -30.80
C ALA B 331 -24.52 -22.09 -31.98
N MET B 332 -23.47 -21.92 -32.79
CA MET B 332 -23.60 -21.08 -33.98
C MET B 332 -24.75 -21.55 -34.86
N ALA B 333 -24.85 -22.87 -35.07
CA ALA B 333 -25.95 -23.42 -35.84
C ALA B 333 -27.29 -23.02 -35.23
N TYR B 334 -27.40 -23.09 -33.90
CA TYR B 334 -28.62 -22.63 -33.24
C TYR B 334 -28.87 -21.17 -33.55
N PHE B 335 -27.82 -20.34 -33.48
CA PHE B 335 -27.97 -18.95 -33.89
C PHE B 335 -28.29 -18.85 -35.37
N GLU B 336 -27.71 -19.74 -36.19
CA GLU B 336 -28.06 -19.79 -37.60
C GLU B 336 -29.53 -20.17 -37.79
N SER B 337 -30.13 -20.85 -36.80
CA SER B 337 -31.57 -21.09 -36.85
C SER B 337 -32.33 -19.78 -36.74
N VAL B 338 -31.86 -18.86 -35.90
CA VAL B 338 -32.55 -17.58 -35.73
C VAL B 338 -32.20 -16.60 -36.85
N GLY B 339 -31.00 -16.71 -37.42
CA GLY B 339 -30.60 -15.80 -38.49
C GLY B 339 -29.48 -14.87 -38.11
N PHE B 340 -28.55 -15.35 -37.28
CA PHE B 340 -27.37 -14.59 -36.88
C PHE B 340 -26.14 -15.32 -37.40
N SER B 341 -25.65 -14.89 -38.56
CA SER B 341 -24.48 -15.49 -39.18
C SER B 341 -23.31 -14.50 -39.16
N PRO B 342 -22.08 -14.99 -38.96
CA PRO B 342 -20.93 -14.08 -38.95
C PRO B 342 -20.69 -13.45 -40.31
N ALA B 343 -20.22 -12.20 -40.28
CA ALA B 343 -19.88 -11.48 -41.49
C ALA B 343 -18.40 -11.61 -41.86
N PHE B 344 -17.60 -12.29 -41.03
CA PHE B 344 -16.18 -12.46 -41.27
C PHE B 344 -15.67 -13.63 -40.43
N PRO B 345 -14.55 -14.25 -40.79
CA PRO B 345 -13.98 -15.29 -39.93
C PRO B 345 -13.65 -14.72 -38.56
N MET B 346 -14.14 -15.40 -37.52
CA MET B 346 -14.07 -14.86 -36.17
C MET B 346 -14.27 -15.98 -35.16
N ASN B 347 -13.85 -15.72 -33.93
CA ASN B 347 -13.97 -16.70 -32.86
C ASN B 347 -15.43 -16.82 -32.43
N PRO B 348 -16.01 -18.02 -32.43
CA PRO B 348 -17.42 -18.15 -32.01
C PRO B 348 -17.66 -17.67 -30.60
N ALA B 349 -16.65 -17.72 -29.73
CA ALA B 349 -16.79 -17.18 -28.38
C ALA B 349 -17.07 -15.68 -28.41
N ASP B 350 -16.39 -14.96 -29.30
CA ASP B 350 -16.66 -13.53 -29.47
C ASP B 350 -18.09 -13.29 -29.95
N PHE B 351 -18.63 -14.20 -30.74
CA PHE B 351 -20.03 -13.90 -31.13
C PHE B 351 -20.87 -14.04 -29.85
N LEU B 352 -20.61 -15.09 -29.09
CA LEU B 352 -21.43 -15.25 -27.89
C LEU B 352 -21.47 -13.97 -27.08
N LEU B 353 -20.32 -13.33 -26.88
CA LEU B 353 -20.28 -12.07 -26.14
C LEU B 353 -21.00 -10.95 -26.89
N ASP B 354 -20.80 -10.88 -28.21
CA ASP B 354 -21.45 -9.82 -28.99
C ASP B 354 -22.96 -9.97 -28.98
N LEU B 355 -23.46 -11.19 -29.14
CA LEU B 355 -24.90 -11.41 -29.13
C LEU B 355 -25.49 -11.14 -27.74
N ALA B 356 -24.78 -11.54 -26.70
CA ALA B 356 -25.24 -11.33 -25.33
C ALA B 356 -25.14 -9.86 -24.94
N ILE B 415 -16.47 -35.17 23.57
CA ILE B 415 -15.84 -33.97 24.10
C ILE B 415 -14.33 -34.03 23.90
N THR B 416 -13.72 -35.17 24.27
CA THR B 416 -12.29 -35.33 24.11
C THR B 416 -11.87 -35.29 22.64
N THR B 417 -12.72 -35.79 21.74
CA THR B 417 -12.42 -35.72 20.32
C THR B 417 -12.40 -34.26 19.85
N CYS B 418 -13.33 -33.45 20.34
CA CYS B 418 -13.34 -32.04 19.98
C CYS B 418 -12.07 -31.34 20.46
N ILE B 419 -11.63 -31.63 21.67
CA ILE B 419 -10.41 -31.03 22.20
C ILE B 419 -9.20 -31.49 21.39
N ALA B 420 -9.17 -32.77 21.01
CA ALA B 420 -8.07 -33.27 20.20
C ALA B 420 -8.02 -32.57 18.84
N THR B 421 -9.17 -32.42 18.19
CA THR B 421 -9.22 -31.70 16.92
C THR B 421 -8.79 -30.25 17.09
N TRP B 422 -9.24 -29.60 18.17
CA TRP B 422 -8.86 -28.22 18.43
C TRP B 422 -7.36 -28.08 18.57
N PHE B 423 -6.75 -28.94 19.39
CA PHE B 423 -5.31 -28.88 19.59
C PHE B 423 -4.55 -29.16 18.30
N SER B 424 -4.98 -30.19 17.56
CA SER B 424 -4.29 -30.55 16.33
C SER B 424 -4.33 -29.41 15.32
N GLN B 425 -5.53 -28.89 15.04
CA GLN B 425 -5.65 -27.82 14.05
C GLN B 425 -5.07 -26.51 14.55
N LEU B 426 -5.00 -26.30 15.88
CA LEU B 426 -4.34 -25.12 16.41
C LEU B 426 -2.84 -25.18 16.15
N CYS B 427 -2.22 -26.32 16.45
CA CYS B 427 -0.80 -26.49 16.12
C CYS B 427 -0.57 -26.40 14.61
N ILE B 428 -1.51 -26.92 13.82
CA ILE B 428 -1.40 -26.84 12.37
C ILE B 428 -1.38 -25.39 11.91
N LEU B 429 -2.34 -24.59 12.36
CA LEU B 429 -2.39 -23.19 11.94
C LEU B 429 -1.20 -22.42 12.49
N LEU B 430 -0.72 -22.76 13.68
CA LEU B 430 0.48 -22.12 14.24
C LEU B 430 1.68 -22.38 13.35
N HIS B 431 1.90 -23.63 12.94
CA HIS B 431 3.00 -23.95 12.05
C HIS B 431 2.83 -23.27 10.70
N ARG B 432 1.59 -23.14 10.24
CA ARG B 432 1.35 -22.44 8.98
C ARG B 432 1.74 -20.97 9.06
N LEU B 433 1.40 -20.31 10.16
CA LEU B 433 1.70 -18.89 10.31
C LEU B 433 3.12 -18.62 10.79
N LEU B 434 3.88 -19.65 11.18
CA LEU B 434 5.31 -19.43 11.43
C LEU B 434 6.00 -18.85 10.20
N LYS B 435 5.63 -19.31 9.01
CA LYS B 435 6.23 -18.78 7.79
C LYS B 435 5.88 -17.31 7.59
N GLU B 436 4.63 -16.94 7.90
CA GLU B 436 4.25 -15.53 7.82
C GLU B 436 5.03 -14.68 8.83
N ARG B 437 5.22 -15.20 10.04
CA ARG B 437 5.93 -14.44 11.07
C ARG B 437 7.42 -14.35 10.77
N ARG B 438 7.98 -15.31 10.04
CA ARG B 438 9.42 -15.30 9.78
C ARG B 438 9.83 -14.11 8.93
N HIS B 439 8.90 -13.57 8.13
CA HIS B 439 9.21 -12.40 7.32
C HIS B 439 9.47 -11.17 8.19
N GLU B 440 8.56 -10.89 9.12
CA GLU B 440 8.75 -9.76 10.01
C GLU B 440 9.81 -10.05 11.08
N SER B 441 10.11 -11.32 11.33
CA SER B 441 11.20 -11.65 12.26
C SER B 441 12.54 -11.17 11.73
N PHE B 442 12.75 -11.29 10.41
CA PHE B 442 13.99 -10.87 9.77
C PHE B 442 13.77 -9.80 8.71
N ASP B 443 12.74 -8.97 8.87
CA ASP B 443 12.49 -7.90 7.92
C ASP B 443 13.65 -6.90 8.00
N LEU B 444 14.25 -6.61 6.85
CA LEU B 444 15.46 -5.78 6.83
C LEU B 444 15.18 -4.40 7.40
N LEU B 445 14.07 -3.78 7.01
CA LEU B 445 13.72 -2.47 7.53
C LEU B 445 13.48 -2.53 9.04
N ARG B 446 12.74 -3.54 9.49
CA ARG B 446 12.42 -3.67 10.91
C ARG B 446 13.67 -3.94 11.73
N ILE B 447 14.53 -4.85 11.27
CA ILE B 447 15.77 -5.15 11.98
C ILE B 447 16.67 -3.93 12.02
N PHE B 448 16.76 -3.21 10.89
CA PHE B 448 17.60 -2.01 10.85
C PHE B 448 17.09 -0.96 11.82
N GLN B 449 15.77 -0.75 11.87
CA GLN B 449 15.20 0.22 12.80
C GLN B 449 15.47 -0.17 14.25
N VAL B 450 15.29 -1.46 14.57
CA VAL B 450 15.49 -1.92 15.94
C VAL B 450 16.94 -1.77 16.35
N VAL B 451 17.88 -2.16 15.47
CA VAL B 451 19.29 -2.05 15.81
C VAL B 451 19.72 -0.59 15.87
N ALA B 452 19.15 0.28 15.04
CA ALA B 452 19.46 1.70 15.12
C ALA B 452 18.98 2.29 16.43
N ALA B 453 17.77 1.91 16.87
CA ALA B 453 17.28 2.38 18.16
C ALA B 453 18.14 1.88 19.30
N SER B 454 18.58 0.61 19.24
CA SER B 454 19.42 0.06 20.28
C SER B 454 20.76 0.78 20.36
N ILE B 455 21.40 1.01 19.20
CA ILE B 455 22.68 1.70 19.17
C ILE B 455 22.51 3.15 19.64
N LEU B 456 21.40 3.77 19.25
CA LEU B 456 21.12 5.15 19.68
C LEU B 456 20.98 5.23 21.19
N CYS B 457 20.23 4.32 21.80
CA CYS B 457 20.09 4.31 23.24
C CYS B 457 21.43 4.03 23.92
N GLY B 458 22.22 3.10 23.36
CA GLY B 458 23.51 2.80 23.96
C GLY B 458 24.47 3.98 23.93
N LEU B 459 24.50 4.70 22.81
CA LEU B 459 25.42 5.84 22.71
C LEU B 459 24.94 7.03 23.52
N MET B 460 23.64 7.35 23.46
CA MET B 460 23.13 8.54 24.13
C MET B 460 23.24 8.42 25.64
N TRP B 461 22.95 7.25 26.20
CA TRP B 461 23.03 7.02 27.63
C TRP B 461 24.26 6.20 28.02
N TRP B 462 25.35 6.34 27.28
CA TRP B 462 26.55 5.54 27.48
C TRP B 462 27.06 5.62 28.92
N HIS B 463 27.02 4.49 29.62
CA HIS B 463 27.42 4.41 31.02
C HIS B 463 26.67 5.43 31.87
N SER B 464 25.34 5.42 31.72
CA SER B 464 24.50 6.34 32.48
C SER B 464 24.61 6.07 33.97
N ASP B 465 24.82 7.12 34.75
CA ASP B 465 24.99 6.98 36.18
C ASP B 465 23.64 6.84 36.88
N TYR B 466 23.70 6.44 38.16
CA TYR B 466 22.50 6.38 38.98
C TYR B 466 22.12 7.72 39.58
N ARG B 467 23.05 8.70 39.56
CA ARG B 467 22.77 9.99 40.16
C ARG B 467 21.77 10.79 39.33
N ASP B 468 21.97 10.84 38.02
CA ASP B 468 21.05 11.57 37.15
C ASP B 468 19.76 10.79 36.95
N VAL B 469 18.76 11.09 37.77
CA VAL B 469 17.48 10.38 37.69
C VAL B 469 16.77 10.72 36.38
N HIS B 470 16.86 11.98 35.94
CA HIS B 470 16.10 12.43 34.78
C HIS B 470 16.51 11.67 33.51
N ASP B 471 17.80 11.44 33.33
CA ASP B 471 18.27 10.76 32.12
C ASP B 471 17.72 9.34 32.04
N ARG B 472 17.82 8.60 33.16
CA ARG B 472 17.31 7.23 33.17
C ARG B 472 15.79 7.20 33.04
N LEU B 473 15.09 8.15 33.67
CA LEU B 473 13.64 8.22 33.50
C LEU B 473 13.26 8.46 32.05
N GLY B 474 13.98 9.37 31.38
CA GLY B 474 13.71 9.61 29.98
C GLY B 474 14.02 8.41 29.11
N LEU B 475 15.10 7.69 29.41
CA LEU B 475 15.43 6.49 28.67
C LEU B 475 14.34 5.43 28.81
N LEU B 476 13.87 5.22 30.04
CA LEU B 476 12.80 4.25 30.28
C LEU B 476 11.52 4.67 29.55
N PHE B 477 11.18 5.96 29.61
CA PHE B 477 9.97 6.43 28.95
C PHE B 477 10.08 6.27 27.43
N PHE B 478 11.26 6.56 26.87
CA PHE B 478 11.45 6.39 25.44
C PHE B 478 11.35 4.91 25.03
N ILE B 479 11.90 4.02 25.84
CA ILE B 479 11.77 2.59 25.57
C ILE B 479 10.30 2.18 25.58
N SER B 480 9.55 2.68 26.57
CA SER B 480 8.12 2.38 26.64
C SER B 480 7.39 2.92 25.41
N ILE B 481 7.73 4.13 24.97
CA ILE B 481 7.09 4.71 23.79
C ILE B 481 7.37 3.84 22.57
N PHE B 482 8.63 3.45 22.38
CA PHE B 482 8.99 2.65 21.21
C PHE B 482 8.26 1.32 21.20
N TRP B 483 8.28 0.62 22.35
CA TRP B 483 7.70 -0.71 22.44
C TRP B 483 6.20 -0.68 22.70
N GLY B 484 5.60 0.49 22.76
CA GLY B 484 4.16 0.60 22.69
C GLY B 484 3.69 0.91 21.29
N VAL B 485 4.37 1.84 20.62
CA VAL B 485 3.97 2.23 19.27
C VAL B 485 4.24 1.10 18.28
N LEU B 486 5.46 0.54 18.29
CA LEU B 486 5.84 -0.41 17.26
C LEU B 486 5.00 -1.68 17.26
N PRO B 487 4.83 -2.41 18.38
CA PRO B 487 4.05 -3.65 18.32
C PRO B 487 2.59 -3.43 17.95
N SER B 488 1.95 -2.40 18.49
CA SER B 488 0.56 -2.15 18.18
C SER B 488 0.38 -1.80 16.71
N PHE B 489 1.25 -0.94 16.18
CA PHE B 489 1.18 -0.57 14.77
C PHE B 489 1.42 -1.78 13.87
N ASN B 490 2.37 -2.64 14.24
CA ASN B 490 2.62 -3.85 13.45
C ASN B 490 1.42 -4.79 13.49
N ALA B 491 0.81 -4.96 14.66
CA ALA B 491 -0.28 -5.91 14.81
C ALA B 491 -1.59 -5.43 14.18
N VAL B 492 -1.81 -4.11 14.12
CA VAL B 492 -3.08 -3.61 13.59
C VAL B 492 -3.23 -3.89 12.10
N PHE B 493 -2.14 -4.13 11.38
CA PHE B 493 -2.21 -4.33 9.93
C PHE B 493 -2.57 -5.75 9.54
N THR B 494 -2.26 -6.73 10.39
CA THR B 494 -2.44 -8.13 10.01
C THR B 494 -3.91 -8.51 9.85
N PHE B 495 -4.76 -8.10 10.79
CA PHE B 495 -6.15 -8.55 10.84
C PHE B 495 -6.93 -8.12 9.59
N PRO B 496 -6.93 -6.84 9.14
CA PRO B 496 -7.60 -6.49 7.88
C PRO B 496 -6.96 -7.22 6.69
N GLN B 497 -5.64 -7.47 6.72
CA GLN B 497 -4.98 -8.08 5.58
C GLN B 497 -5.39 -9.55 5.41
N GLU B 498 -5.55 -10.25 6.53
CA GLU B 498 -5.95 -11.65 6.51
C GLU B 498 -7.46 -11.84 6.68
N ARG B 499 -8.22 -10.75 6.75
CA ARG B 499 -9.67 -10.88 6.94
C ARG B 499 -10.33 -11.63 5.79
N ALA B 500 -9.96 -11.30 4.55
CA ALA B 500 -10.61 -11.92 3.40
C ALA B 500 -10.32 -13.41 3.34
N ILE B 501 -9.05 -13.80 3.52
CA ILE B 501 -8.70 -15.21 3.46
C ILE B 501 -9.31 -15.95 4.65
N PHE B 502 -9.37 -15.33 5.83
CA PHE B 502 -10.01 -15.95 6.97
C PHE B 502 -11.49 -16.20 6.70
N THR B 503 -12.18 -15.22 6.11
CA THR B 503 -13.59 -15.40 5.80
C THR B 503 -13.78 -16.50 4.76
N ARG B 504 -12.94 -16.53 3.72
CA ARG B 504 -13.06 -17.56 2.71
C ARG B 504 -12.83 -18.96 3.29
N GLU B 505 -11.84 -19.09 4.18
CA GLU B 505 -11.55 -20.38 4.79
C GLU B 505 -12.59 -20.78 5.82
N ARG B 506 -13.21 -19.82 6.49
CA ARG B 506 -14.25 -20.11 7.47
C ARG B 506 -15.57 -20.48 6.79
N ALA B 507 -15.81 -19.95 5.59
CA ALA B 507 -17.03 -20.29 4.86
C ALA B 507 -17.11 -21.79 4.60
N SER B 508 -15.99 -22.40 4.23
CA SER B 508 -15.95 -23.84 4.03
C SER B 508 -15.96 -24.63 5.33
N GLY B 509 -15.77 -23.96 6.47
CA GLY B 509 -15.76 -24.65 7.75
C GLY B 509 -14.53 -25.49 8.01
N MET B 510 -13.41 -25.17 7.36
CA MET B 510 -12.19 -25.97 7.52
C MET B 510 -11.61 -25.81 8.92
N TYR B 511 -11.66 -24.61 9.48
CA TYR B 511 -11.17 -24.38 10.84
C TYR B 511 -12.06 -23.34 11.53
N THR B 512 -11.98 -23.32 12.85
CA THR B 512 -12.80 -22.45 13.67
C THR B 512 -12.07 -21.12 13.93
N LEU B 513 -12.80 -20.17 14.51
CA LEU B 513 -12.23 -18.85 14.77
C LEU B 513 -11.27 -18.87 15.94
N SER B 514 -11.63 -19.56 17.02
CA SER B 514 -10.80 -19.55 18.23
C SER B 514 -9.45 -20.19 17.97
N SER B 515 -9.42 -21.30 17.23
CA SER B 515 -8.16 -21.95 16.91
C SER B 515 -7.28 -21.05 16.06
N TYR B 516 -7.88 -20.37 15.07
CA TYR B 516 -7.12 -19.44 14.25
C TYR B 516 -6.53 -18.32 15.10
N PHE B 517 -7.31 -17.78 16.04
CA PHE B 517 -6.84 -16.69 16.88
C PHE B 517 -5.68 -17.15 17.77
N MET B 518 -5.84 -18.33 18.40
CA MET B 518 -4.78 -18.83 19.26
C MET B 518 -3.51 -19.14 18.47
N ALA B 519 -3.65 -19.71 17.28
CA ALA B 519 -2.48 -19.97 16.44
C ALA B 519 -1.81 -18.68 16.02
N HIS B 520 -2.60 -17.65 15.68
CA HIS B 520 -2.03 -16.38 15.27
C HIS B 520 -1.24 -15.75 16.40
N VAL B 521 -1.81 -15.74 17.61
CA VAL B 521 -1.10 -15.12 18.73
C VAL B 521 0.13 -15.94 19.11
N LEU B 522 0.04 -17.27 19.04
CA LEU B 522 1.19 -18.11 19.35
C LEU B 522 2.33 -17.87 18.35
N GLY B 523 1.98 -17.73 17.07
CA GLY B 523 3.00 -17.44 16.07
C GLY B 523 3.59 -16.05 16.24
N SER B 524 2.76 -15.07 16.58
CA SER B 524 3.23 -13.71 16.73
C SER B 524 4.03 -13.48 18.00
N LEU B 525 3.87 -14.35 19.01
CA LEU B 525 4.61 -14.16 20.26
C LEU B 525 6.12 -14.22 20.03
N SER B 526 6.59 -15.19 19.27
CA SER B 526 8.03 -15.32 19.03
C SER B 526 8.57 -14.11 18.28
N MET B 527 7.85 -13.67 17.25
CA MET B 527 8.30 -12.51 16.47
C MET B 527 8.31 -11.25 17.31
N GLU B 528 7.30 -11.06 18.17
CA GLU B 528 7.20 -9.85 18.97
C GLU B 528 8.03 -9.91 20.24
N LEU B 529 8.62 -11.06 20.57
CA LEU B 529 9.49 -11.17 21.73
C LEU B 529 10.97 -11.30 21.39
N VAL B 530 11.31 -11.72 20.17
CA VAL B 530 12.72 -11.86 19.80
C VAL B 530 13.41 -10.50 19.79
N LEU B 531 12.77 -9.49 19.21
CA LEU B 531 13.42 -8.19 19.07
C LEU B 531 13.53 -7.44 20.39
N PRO B 532 12.48 -7.30 21.20
CA PRO B 532 12.65 -6.58 22.47
C PRO B 532 13.69 -7.18 23.40
N ALA B 533 13.84 -8.51 23.40
CA ALA B 533 14.85 -9.14 24.25
C ALA B 533 16.26 -8.70 23.86
N SER B 534 16.57 -8.76 22.56
CA SER B 534 17.89 -8.32 22.11
C SER B 534 18.07 -6.83 22.32
N PHE B 535 17.02 -6.04 22.11
CA PHE B 535 17.10 -4.60 22.33
C PHE B 535 17.44 -4.30 23.78
N LEU B 536 16.76 -4.97 24.72
CA LEU B 536 17.06 -4.78 26.14
C LEU B 536 18.45 -5.25 26.49
N THR B 537 18.89 -6.39 25.93
CA THR B 537 20.25 -6.86 26.20
C THR B 537 21.27 -5.82 25.78
N PHE B 538 21.16 -5.32 24.54
CA PHE B 538 22.12 -4.34 24.04
C PHE B 538 22.06 -3.05 24.84
N THR B 539 20.85 -2.53 25.09
CA THR B 539 20.72 -1.27 25.82
C THR B 539 21.25 -1.38 27.23
N TYR B 540 20.83 -2.41 28.01
CA TYR B 540 21.39 -2.60 29.38
C TYR B 540 22.91 -2.73 29.33
N TRP B 541 23.48 -3.54 28.43
CA TRP B 541 24.92 -3.74 28.51
C TRP B 541 25.71 -2.57 27.94
N MET B 542 25.08 -1.66 27.21
CA MET B 542 25.75 -0.44 26.73
C MET B 542 25.59 0.73 27.70
N VAL B 543 24.37 1.00 28.18
CA VAL B 543 24.13 2.20 28.98
C VAL B 543 24.39 2.00 30.47
N TYR B 544 24.65 0.77 30.90
CA TYR B 544 25.01 0.45 32.29
C TYR B 544 23.91 0.91 33.26
N LEU B 545 22.77 0.24 33.14
CA LEU B 545 21.67 0.41 34.10
C LEU B 545 21.97 -0.46 35.32
N ARG B 546 21.05 -0.48 36.29
CA ARG B 546 21.30 -1.14 37.57
C ARG B 546 21.83 -2.55 37.36
N PRO B 547 22.99 -2.87 37.90
CA PRO B 547 23.55 -4.22 37.69
C PRO B 547 22.76 -5.29 38.42
N GLY B 548 22.83 -6.50 37.88
CA GLY B 548 22.15 -7.63 38.50
C GLY B 548 21.42 -8.51 37.49
N ILE B 549 21.60 -9.82 37.61
CA ILE B 549 20.91 -10.75 36.72
C ILE B 549 19.40 -10.74 37.02
N VAL B 550 19.04 -10.77 38.30
CA VAL B 550 17.62 -10.77 38.67
C VAL B 550 16.91 -9.50 38.18
N PRO B 551 17.43 -8.29 38.38
CA PRO B 551 16.79 -7.12 37.76
C PRO B 551 16.74 -7.20 36.24
N PHE B 552 17.75 -7.82 35.61
CA PHE B 552 17.73 -7.99 34.16
C PHE B 552 16.53 -8.83 33.74
N LEU B 553 16.34 -9.98 34.39
CA LEU B 553 15.20 -10.83 34.06
C LEU B 553 13.88 -10.13 34.38
N LEU B 554 13.83 -9.39 35.49
CA LEU B 554 12.60 -8.69 35.85
C LEU B 554 12.21 -7.66 34.80
N THR B 555 13.16 -6.82 34.37
CA THR B 555 12.84 -5.80 33.38
C THR B 555 12.56 -6.44 32.02
N LEU B 556 13.25 -7.54 31.70
CA LEU B 556 12.96 -8.23 30.44
C LEU B 556 11.53 -8.76 30.43
N SER B 557 11.11 -9.41 31.51
CA SER B 557 9.74 -9.91 31.60
C SER B 557 8.74 -8.76 31.56
N VAL B 558 9.05 -7.66 32.24
CA VAL B 558 8.14 -6.52 32.26
C VAL B 558 7.94 -5.97 30.84
N LEU B 559 9.03 -5.79 30.10
CA LEU B 559 8.90 -5.23 28.76
C LEU B 559 8.24 -6.23 27.81
N LEU B 560 8.52 -7.53 27.98
CA LEU B 560 7.84 -8.52 27.15
C LEU B 560 6.34 -8.51 27.40
N LEU B 561 5.92 -8.41 28.67
CA LEU B 561 4.51 -8.32 28.98
C LEU B 561 3.88 -7.05 28.40
N TYR B 562 4.58 -5.92 28.49
CA TYR B 562 4.07 -4.69 27.92
C TYR B 562 3.95 -4.79 26.40
N VAL B 563 4.93 -5.41 25.75
CA VAL B 563 4.89 -5.58 24.31
C VAL B 563 3.72 -6.48 23.91
N LEU B 564 3.50 -7.55 24.67
CA LEU B 564 2.34 -8.41 24.41
C LEU B 564 1.03 -7.64 24.57
N ALA B 565 0.95 -6.80 25.61
CA ALA B 565 -0.26 -6.00 25.82
C ALA B 565 -0.49 -5.03 24.66
N SER B 566 0.58 -4.38 24.20
CA SER B 566 0.45 -3.45 23.08
C SER B 566 0.05 -4.17 21.79
N GLN B 567 0.63 -5.36 21.56
CA GLN B 567 0.25 -6.16 20.40
C GLN B 567 -1.21 -6.57 20.47
N GLY B 568 -1.68 -6.96 21.66
CA GLY B 568 -3.08 -7.29 21.83
C GLY B 568 -3.99 -6.10 21.58
N LEU B 569 -3.59 -4.92 22.07
CA LEU B 569 -4.36 -3.71 21.81
C LEU B 569 -4.45 -3.41 20.32
N GLY B 570 -3.31 -3.54 19.62
CA GLY B 570 -3.33 -3.32 18.18
C GLY B 570 -4.20 -4.32 17.45
N LEU B 571 -4.13 -5.60 17.85
CA LEU B 571 -4.98 -6.62 17.23
C LEU B 571 -6.44 -6.33 17.49
N ALA B 572 -6.79 -5.91 18.71
CA ALA B 572 -8.18 -5.60 19.02
C ALA B 572 -8.68 -4.41 18.21
N LEU B 573 -7.85 -3.37 18.07
CA LEU B 573 -8.27 -2.21 17.29
C LEU B 573 -8.39 -2.55 15.81
N GLY B 574 -7.49 -3.41 15.30
CA GLY B 574 -7.62 -3.86 13.93
C GLY B 574 -8.85 -4.72 13.69
N ALA B 575 -9.23 -5.54 14.69
CA ALA B 575 -10.44 -6.34 14.57
C ALA B 575 -11.68 -5.47 14.61
N ALA B 576 -11.67 -4.44 15.46
CA ALA B 576 -12.83 -3.57 15.60
C ALA B 576 -13.12 -2.79 14.32
N ILE B 577 -12.08 -2.29 13.66
CA ILE B 577 -12.23 -1.44 12.48
C ILE B 577 -11.90 -2.28 11.25
N MET B 578 -12.84 -2.31 10.29
CA MET B 578 -12.66 -3.09 9.08
C MET B 578 -11.69 -2.46 8.10
N ASP B 579 -11.29 -1.20 8.31
CA ASP B 579 -10.36 -0.51 7.42
C ASP B 579 -8.98 -0.50 8.06
N ALA B 580 -7.98 -0.96 7.31
CA ALA B 580 -6.63 -1.04 7.84
C ALA B 580 -6.06 0.34 8.16
N LYS B 581 -6.23 1.29 7.24
CA LYS B 581 -5.69 2.63 7.45
C LYS B 581 -6.37 3.33 8.62
N LYS B 582 -7.70 3.21 8.72
CA LYS B 582 -8.41 3.86 9.81
C LYS B 582 -8.09 3.19 11.15
N ALA B 583 -7.94 1.87 11.15
CA ALA B 583 -7.52 1.16 12.36
C ALA B 583 -6.13 1.61 12.79
N SER B 584 -5.21 1.78 11.84
CA SER B 584 -3.87 2.27 12.17
C SER B 584 -3.94 3.68 12.73
N THR B 585 -4.79 4.53 12.15
CA THR B 585 -4.95 5.89 12.67
C THR B 585 -5.49 5.88 14.09
N ILE B 586 -6.47 5.02 14.36
CA ILE B 586 -7.02 4.91 15.71
C ILE B 586 -5.96 4.41 16.69
N VAL B 587 -5.14 3.44 16.25
CA VAL B 587 -4.05 2.94 17.08
C VAL B 587 -3.08 4.06 17.41
N THR B 588 -2.71 4.86 16.40
CA THR B 588 -1.79 5.97 16.62
C THR B 588 -2.37 6.98 17.59
N VAL B 589 -3.66 7.31 17.45
CA VAL B 589 -4.29 8.28 18.33
C VAL B 589 -4.33 7.76 19.76
N THR B 590 -4.71 6.49 19.94
CA THR B 590 -4.77 5.92 21.27
C THR B 590 -3.39 5.85 21.91
N MET B 591 -2.37 5.48 21.12
CA MET B 591 -1.02 5.42 21.65
C MET B 591 -0.51 6.81 22.04
N LEU B 592 -0.85 7.82 21.24
CA LEU B 592 -0.46 9.19 21.58
C LEU B 592 -1.13 9.66 22.87
N ALA B 593 -2.42 9.36 23.02
CA ALA B 593 -3.13 9.70 24.24
C ALA B 593 -2.53 8.97 25.44
N PHE B 594 -2.10 7.72 25.24
CA PHE B 594 -1.49 6.96 26.33
C PHE B 594 -0.14 7.55 26.72
N VAL B 595 0.72 7.85 25.74
CA VAL B 595 2.06 8.33 26.05
C VAL B 595 2.01 9.71 26.69
N LEU B 596 1.07 10.56 26.25
CA LEU B 596 0.95 11.86 26.89
C LEU B 596 0.45 11.76 28.33
N THR B 597 -0.02 10.57 28.74
CA THR B 597 -0.49 10.35 30.10
C THR B 597 0.37 9.32 30.84
N GLY B 598 1.63 9.19 30.44
CA GLY B 598 2.53 8.23 31.05
C GLY B 598 3.19 8.66 32.33
N GLY B 599 2.91 9.87 32.81
CA GLY B 599 3.48 10.37 34.04
C GLY B 599 4.85 11.01 33.90
N TYR B 600 5.41 11.04 32.69
CA TYR B 600 6.72 11.66 32.47
C TYR B 600 6.63 13.01 31.77
N TYR B 601 5.65 13.20 30.89
CA TYR B 601 5.54 14.47 30.15
C TYR B 601 4.80 15.50 31.01
N VAL B 602 3.62 15.15 31.51
CA VAL B 602 2.84 16.04 32.36
C VAL B 602 2.81 15.47 33.77
N ASN B 603 3.18 16.28 34.75
CA ASN B 603 3.20 15.85 36.15
C ASN B 603 1.98 16.30 36.92
N LYS B 604 1.22 17.27 36.41
CA LYS B 604 0.02 17.78 37.09
C LYS B 604 -1.19 17.41 36.22
N VAL B 605 -1.73 16.24 36.47
CA VAL B 605 -2.91 15.77 35.73
C VAL B 605 -4.15 16.48 36.26
N PRO B 606 -5.06 16.94 35.40
CA PRO B 606 -6.31 17.54 35.89
C PRO B 606 -7.10 16.53 36.72
N SER B 607 -7.75 17.04 37.77
CA SER B 607 -8.37 16.17 38.76
C SER B 607 -9.48 15.31 38.17
N GLY B 608 -10.31 15.88 37.30
CA GLY B 608 -11.43 15.15 36.74
C GLY B 608 -11.10 14.27 35.56
N MET B 609 -9.81 14.08 35.25
CA MET B 609 -9.40 13.39 34.04
C MET B 609 -8.44 12.24 34.37
N VAL B 610 -8.02 12.11 35.63
CA VAL B 610 -6.95 11.19 36.02
C VAL B 610 -7.24 9.76 35.57
N TRP B 611 -8.51 9.40 35.41
CA TRP B 611 -8.82 8.01 35.09
C TRP B 611 -8.17 7.58 33.78
N MET B 612 -7.83 8.54 32.91
CA MET B 612 -7.16 8.18 31.66
C MET B 612 -5.80 7.57 31.92
N LYS B 613 -5.05 8.13 32.86
CA LYS B 613 -3.75 7.54 33.18
C LYS B 613 -3.89 6.24 33.97
N TYR B 614 -5.11 5.84 34.34
CA TYR B 614 -5.35 4.56 34.97
C TYR B 614 -5.66 3.46 33.96
N VAL B 615 -5.75 3.80 32.66
CA VAL B 615 -6.06 2.83 31.62
C VAL B 615 -4.98 2.74 30.56
N SER B 616 -3.94 3.58 30.63
CA SER B 616 -2.88 3.59 29.63
C SER B 616 -1.80 2.60 30.01
N THR B 617 -1.48 1.68 29.09
CA THR B 617 -0.51 0.63 29.39
C THR B 617 0.90 1.18 29.49
N THR B 618 1.21 2.22 28.71
CA THR B 618 2.56 2.77 28.73
C THR B 618 2.90 3.38 30.08
N PHE B 619 1.83 3.81 30.76
CA PHE B 619 2.01 4.39 32.11
C PHE B 619 2.58 3.28 32.95
N TYR B 620 1.83 2.21 32.99
CA TYR B 620 2.17 1.07 33.85
C TYR B 620 3.55 0.52 33.50
N CYS B 621 3.89 0.44 32.22
CA CYS B 621 5.21 -0.02 31.83
C CYS B 621 6.30 0.92 32.35
N TYR B 622 6.07 2.23 32.24
CA TYR B 622 7.04 3.20 32.73
C TYR B 622 7.22 3.08 34.24
N ARG B 623 6.12 2.94 34.98
CA ARG B 623 6.21 2.76 36.43
C ARG B 623 6.96 1.49 36.79
N LEU B 624 6.69 0.40 36.05
CA LEU B 624 7.38 -0.86 36.31
C LEU B 624 8.88 -0.73 36.04
N LEU B 625 9.23 -0.06 34.95
CA LEU B 625 10.65 0.14 34.63
C LEU B 625 11.33 0.98 35.71
N VAL B 626 10.67 2.04 36.17
CA VAL B 626 11.25 2.88 37.22
C VAL B 626 11.42 2.09 38.50
N ALA B 627 10.42 1.26 38.84
CA ALA B 627 10.52 0.45 40.06
C ALA B 627 11.65 -0.56 39.97
N ILE B 628 11.84 -1.19 38.80
CA ILE B 628 12.95 -2.11 38.63
C ILE B 628 14.28 -1.38 38.73
N GLN B 629 14.35 -0.17 38.17
CA GLN B 629 15.65 0.54 38.11
C GLN B 629 16.04 1.16 39.46
N TYR B 630 15.06 1.63 40.25
CA TYR B 630 15.38 2.33 41.48
C TYR B 630 14.61 1.85 42.70
N GLY B 631 13.60 1.00 42.54
CA GLY B 631 12.81 0.60 43.70
C GLY B 631 11.89 1.72 44.15
N SER B 632 11.66 1.77 45.46
CA SER B 632 10.82 2.80 46.06
C SER B 632 11.57 4.12 46.24
N GLY B 633 12.76 4.26 45.68
CA GLY B 633 13.51 5.50 45.79
C GLY B 633 14.24 5.70 47.10
N GLU B 634 14.43 4.64 47.89
CA GLU B 634 15.15 4.78 49.16
C GLU B 634 16.58 5.24 48.95
N GLU B 635 17.26 4.65 47.96
CA GLU B 635 18.62 5.07 47.66
C GLU B 635 18.66 6.51 47.15
N ILE B 636 17.71 6.87 46.29
CA ILE B 636 17.67 8.24 45.76
C ILE B 636 17.36 9.24 46.87
N LEU B 637 16.39 8.91 47.72
CA LEU B 637 16.01 9.80 48.82
C LEU B 637 17.12 9.90 49.86
N PHE B 660 9.95 16.24 43.87
CA PHE B 660 9.85 15.67 42.54
C PHE B 660 10.14 14.17 42.57
N VAL B 661 10.99 13.75 43.51
CA VAL B 661 11.36 12.35 43.62
C VAL B 661 10.16 11.50 43.98
N GLU B 662 9.34 11.98 44.94
CA GLU B 662 8.21 11.20 45.41
C GLU B 662 7.20 10.93 44.31
N GLU B 663 6.90 11.94 43.49
CA GLU B 663 5.89 11.78 42.45
C GLU B 663 6.42 10.99 41.24
N GLU B 664 7.70 11.11 40.93
CA GLU B 664 8.24 10.52 39.71
C GLU B 664 8.85 9.14 39.92
N VAL B 665 9.16 8.75 41.15
CA VAL B 665 9.81 7.48 41.44
C VAL B 665 8.90 6.56 42.25
N ILE B 666 8.40 7.04 43.38
CA ILE B 666 7.55 6.20 44.23
C ILE B 666 6.25 5.87 43.52
N GLY B 667 5.59 6.88 42.95
CA GLY B 667 4.36 6.66 42.21
C GLY B 667 3.17 6.35 43.11
N ASP B 668 2.00 6.19 42.51
CA ASP B 668 0.79 5.85 43.24
C ASP B 668 0.35 4.41 43.03
N VAL B 669 1.01 3.67 42.15
CA VAL B 669 0.68 2.27 41.85
C VAL B 669 1.92 1.42 42.10
N GLY B 670 1.74 0.34 42.85
CA GLY B 670 2.84 -0.53 43.23
C GLY B 670 3.23 -1.53 42.15
N MET B 671 4.20 -2.36 42.50
CA MET B 671 4.78 -3.36 41.61
C MET B 671 3.76 -4.43 41.18
N TRP B 672 3.28 -5.21 42.15
CA TRP B 672 2.43 -6.36 41.83
C TRP B 672 1.11 -5.93 41.23
N THR B 673 0.51 -4.85 41.74
CA THR B 673 -0.74 -4.37 41.15
C THR B 673 -0.54 -3.91 39.72
N SER B 674 0.57 -3.23 39.43
CA SER B 674 0.85 -2.82 38.06
C SER B 674 1.03 -4.03 37.15
N VAL B 675 1.75 -5.05 37.62
CA VAL B 675 1.94 -6.24 36.81
C VAL B 675 0.60 -6.92 36.53
N GLY B 676 -0.24 -7.04 37.56
CA GLY B 676 -1.54 -7.65 37.37
C GLY B 676 -2.42 -6.84 36.43
N VAL B 677 -2.37 -5.52 36.52
CA VAL B 677 -3.14 -4.67 35.63
C VAL B 677 -2.67 -4.83 34.19
N LEU B 678 -1.35 -4.91 33.98
CA LEU B 678 -0.85 -5.09 32.62
C LEU B 678 -1.28 -6.45 32.06
N PHE B 679 -1.19 -7.50 32.86
CA PHE B 679 -1.62 -8.83 32.40
C PHE B 679 -3.11 -8.83 32.08
N LEU B 680 -3.92 -8.21 32.95
CA LEU B 680 -5.35 -8.14 32.71
C LEU B 680 -5.67 -7.33 31.46
N MET B 681 -4.91 -6.25 31.22
CA MET B 681 -5.11 -5.46 30.02
C MET B 681 -4.80 -6.26 28.76
N PHE B 682 -3.72 -7.05 28.83
CA PHE B 682 -3.34 -7.91 27.68
C PHE B 682 -4.47 -8.90 27.42
N PHE B 683 -4.94 -9.59 28.47
CA PHE B 683 -5.99 -10.59 28.32
C PHE B 683 -7.29 -9.98 27.82
N GLY B 684 -7.64 -8.80 28.34
CA GLY B 684 -8.82 -8.08 27.91
C GLY B 684 -8.74 -7.64 26.46
N TYR B 685 -7.56 -7.23 26.02
CA TYR B 685 -7.37 -6.88 24.61
C TYR B 685 -7.58 -8.08 23.71
N ARG B 686 -7.02 -9.24 24.11
CA ARG B 686 -7.26 -10.46 23.34
C ARG B 686 -8.74 -10.82 23.31
N VAL B 687 -9.41 -10.69 24.46
CA VAL B 687 -10.84 -11.02 24.55
C VAL B 687 -11.66 -10.09 23.66
N LEU B 688 -11.34 -8.79 23.69
CA LEU B 688 -12.06 -7.83 22.87
C LEU B 688 -11.84 -8.08 21.39
N ALA B 689 -10.61 -8.46 21.01
CA ALA B 689 -10.34 -8.81 19.62
C ALA B 689 -11.14 -10.04 19.20
N TYR B 690 -11.22 -11.04 20.08
CA TYR B 690 -12.00 -12.24 19.78
C TYR B 690 -13.48 -11.90 19.62
N LEU B 691 -13.99 -11.03 20.49
CA LEU B 691 -15.39 -10.61 20.39
C LEU B 691 -15.64 -9.86 19.08
N ALA B 692 -14.71 -8.99 18.69
CA ALA B 692 -14.85 -8.27 17.43
C ALA B 692 -14.83 -9.22 16.24
N LEU B 693 -13.95 -10.23 16.26
CA LEU B 693 -13.93 -11.21 15.18
C LEU B 693 -15.23 -12.01 15.14
N ARG B 694 -15.76 -12.36 16.32
CA ARG B 694 -17.02 -13.09 16.37
C ARG B 694 -18.21 -12.24 15.93
N ARG B 695 -18.10 -10.91 16.05
CA ARG B 695 -19.20 -10.04 15.66
C ARG B 695 -19.46 -10.12 14.15
N ILE B 696 -18.41 -10.16 13.34
CA ILE B 696 -18.56 -10.24 11.90
C ILE B 696 -18.94 -11.65 11.48
C1 A8S C . 6.80 9.37 19.64
C2 A8S C . 5.35 9.06 19.40
C3 A8S C . 4.80 8.53 18.28
C4 A8S C . 5.63 8.14 17.13
C5 A8S C . 5.09 7.70 15.97
C6 A8S C . 3.30 8.35 18.24
C7 A8S C . 5.92 7.33 14.77
O7 A8S C . 7.33 7.49 15.04
C8 A8S C . 5.65 5.84 14.62
C9 A8S C . 4.74 5.40 13.74
C10 A8S C . 3.93 6.36 12.96
O10 A8S C . 3.17 5.94 12.12
C11 A8S C . 4.08 7.86 13.17
O11 A8S C . 7.64 9.12 18.76
C12 A8S C . 5.53 8.17 13.53
O12 A8S C . 7.16 9.95 20.70
C13 A8S C . 6.41 4.84 15.46
C14 A8S C . 6.48 7.85 12.37
C15 A8S C . 5.68 9.68 13.77
#